data_4EG7
#
_entry.id   4EG7
#
_cell.length_a   89.170
_cell.length_b   105.687
_cell.length_c   205.913
_cell.angle_alpha   90.00
_cell.angle_beta   90.00
_cell.angle_gamma   90.00
#
_symmetry.space_group_name_H-M   'P 21 21 21'
#
loop_
_entity.id
_entity.type
_entity.pdbx_description
1 polymer 'Methionyl-tRNA synthetase, putative'
2 non-polymer GLYCEROL
3 non-polymer 'DIMETHYL SULFOXIDE'
4 non-polymer METHIONINE
5 non-polymer "N-(1H-benzimidazol-2-yl)-N'-(3,5-dichlorobenzyl)propane-1,3-diamine"
6 water water
#
_entity_poly.entity_id   1
_entity_poly.type   'polypeptide(L)'
_entity_poly.pdbx_seq_one_letter_code
;GPGSMKVEKVFFVTSPIYYVNAAPHIGHVYSTLITDVIGRYHRVKGERVFALTGTDEHGQKVAEAAKQKQVSPYDFTTAV
AGEFKK(CAS)FEQMDYSIDYFIRTTNEQHKAVVKELWTKLEQKGDIYLGRYEGWYSISDESFLTPQNITDGVDKDGNPC
KVSLESGHVVTWVSEENYMFRLSAFRERLLEWYHANPGCIVPEFRRREVIRAVEKGLPDLSVSRARATLHNWAIPVPGNP
DH(CAS)VYVWLDALTNYLTGSRLRVDESGKEVSLVDDFNELERFPADVHVIGKDILKFHAIYWPAFLLSAGLPLPKKIV
AHGWWTKDRKKISKSLGNVFDPVEKAEEFGYDALKYFLLRESGFSDDGDYSDKNMIARLNGELADTLGNLVMRCTSAKIN
VNGEWPSPAAYTEEDESLIQLIKDLPGTADHYYLIPDIQKAIIAVFDVLRAINAYVTDMAPWKLVKTDPERLRTVLYITL
EGVRVTTLLLSPILPRKSVVIFDMLGVPEVHRKGIENFEFGAVPPGTRLGPAVEGEVLFSKRSTENTKST
;
_entity_poly.pdbx_strand_id   A,B
#
# COMPACT_ATOMS: atom_id res chain seq x y z
N VAL A 7 -25.74 3.26 19.55
CA VAL A 7 -26.46 2.23 20.38
C VAL A 7 -25.50 1.09 20.80
N GLU A 8 -25.04 1.12 22.07
CA GLU A 8 -23.97 0.20 22.52
C GLU A 8 -24.49 -1.05 23.23
N LYS A 9 -23.99 -2.19 22.79
CA LYS A 9 -24.44 -3.49 23.25
C LYS A 9 -23.19 -4.37 23.36
N VAL A 10 -23.38 -5.67 23.59
CA VAL A 10 -22.25 -6.59 23.54
C VAL A 10 -22.10 -7.02 22.09
N PHE A 11 -20.90 -6.84 21.56
CA PHE A 11 -20.61 -7.31 20.23
C PHE A 11 -20.70 -8.83 20.25
N PHE A 12 -21.64 -9.35 19.48
CA PHE A 12 -21.99 -10.76 19.46
C PHE A 12 -21.54 -11.39 18.13
N VAL A 13 -20.58 -12.31 18.20
CA VAL A 13 -20.05 -12.99 17.03
C VAL A 13 -20.14 -14.49 17.25
N THR A 14 -20.53 -15.22 16.21
CA THR A 14 -20.78 -16.66 16.32
C THR A 14 -20.03 -17.42 15.25
N SER A 15 -19.80 -18.69 15.52
CA SER A 15 -19.41 -19.67 14.51
C SER A 15 -20.63 -20.55 14.29
N PRO A 16 -20.57 -21.45 13.30
CA PRO A 16 -21.63 -22.43 13.19
C PRO A 16 -21.47 -23.42 14.32
N ILE A 17 -22.57 -24.05 14.72
CA ILE A 17 -22.47 -25.20 15.62
C ILE A 17 -22.37 -26.44 14.72
N TYR A 18 -21.40 -27.30 15.00
CA TYR A 18 -20.97 -28.32 14.06
C TYR A 18 -21.61 -29.68 14.34
N TYR A 19 -22.03 -30.38 13.27
CA TYR A 19 -22.49 -31.77 13.41
C TYR A 19 -21.39 -32.59 14.06
N VAL A 20 -21.81 -33.51 14.89
CA VAL A 20 -20.92 -34.32 15.69
C VAL A 20 -20.85 -35.76 15.13
N ASN A 21 -21.16 -35.92 13.85
CA ASN A 21 -21.06 -37.21 13.15
C ASN A 21 -19.64 -37.79 13.10
N ALA A 22 -18.64 -36.91 13.08
CA ALA A 22 -17.27 -37.34 12.95
C ALA A 22 -16.36 -36.39 13.70
N ALA A 23 -15.09 -36.77 13.79
CA ALA A 23 -14.09 -36.01 14.54
C ALA A 23 -13.94 -34.64 13.90
N PRO A 24 -13.50 -33.64 14.70
CA PRO A 24 -13.28 -32.31 14.17
C PRO A 24 -12.06 -32.24 13.25
N HIS A 25 -12.14 -31.36 12.25
CA HIS A 25 -11.13 -31.25 11.21
C HIS A 25 -10.92 -29.79 10.83
N ILE A 26 -10.17 -29.55 9.76
CA ILE A 26 -9.79 -28.20 9.38
C ILE A 26 -11.00 -27.26 9.21
N GLY A 27 -12.02 -27.68 8.50
CA GLY A 27 -13.17 -26.83 8.29
C GLY A 27 -13.68 -26.17 9.56
N HIS A 28 -13.90 -26.97 10.59
CA HIS A 28 -14.44 -26.47 11.85
C HIS A 28 -13.46 -25.53 12.51
N VAL A 29 -12.20 -25.94 12.59
CA VAL A 29 -11.12 -25.14 13.16
C VAL A 29 -11.04 -23.74 12.51
N TYR A 30 -11.08 -23.72 11.18
CA TYR A 30 -11.08 -22.49 10.40
C TYR A 30 -12.23 -21.60 10.80
N SER A 31 -13.47 -22.09 10.69
CA SER A 31 -14.65 -21.28 11.01
C SER A 31 -14.60 -20.68 12.40
N THR A 32 -14.16 -21.47 13.36
CA THR A 32 -14.04 -20.99 14.72
C THR A 32 -12.87 -20.00 14.87
N LEU A 33 -11.80 -20.22 14.12
CA LEU A 33 -10.68 -19.28 14.10
C LEU A 33 -11.13 -17.90 13.62
N ILE A 34 -11.89 -17.87 12.52
CA ILE A 34 -12.44 -16.62 11.98
C ILE A 34 -13.29 -15.95 13.04
N THR A 35 -14.16 -16.71 13.70
CA THR A 35 -14.98 -16.17 14.78
C THR A 35 -14.11 -15.60 15.90
N ASP A 36 -13.10 -16.36 16.28
CA ASP A 36 -12.18 -15.98 17.35
C ASP A 36 -11.44 -14.67 17.04
N VAL A 37 -10.94 -14.56 15.80
CA VAL A 37 -10.25 -13.35 15.36
C VAL A 37 -11.17 -12.11 15.47
N ILE A 38 -12.37 -12.20 14.89
CA ILE A 38 -13.29 -11.07 14.93
C ILE A 38 -13.53 -10.68 16.38
N GLY A 39 -13.83 -11.66 17.23
CA GLY A 39 -14.00 -11.43 18.66
C GLY A 39 -12.76 -10.78 19.26
N ARG A 40 -11.60 -11.35 18.97
CA ARG A 40 -10.37 -10.83 19.58
C ARG A 40 -10.15 -9.36 19.26
N TYR A 41 -10.35 -8.99 18.00
CA TYR A 41 -10.16 -7.59 17.58
C TYR A 41 -11.03 -6.62 18.36
N HIS A 42 -12.31 -6.95 18.51
CA HIS A 42 -13.23 -6.05 19.21
C HIS A 42 -12.91 -5.96 20.68
N ARG A 43 -12.38 -7.03 21.25
CA ARG A 43 -11.85 -6.92 22.60
C ARG A 43 -10.65 -5.97 22.66
N VAL A 44 -9.78 -6.04 21.66
CA VAL A 44 -8.62 -5.14 21.56
C VAL A 44 -9.04 -3.67 21.42
N LYS A 45 -10.18 -3.41 20.79
CA LYS A 45 -10.77 -2.06 20.78
C LYS A 45 -11.36 -1.65 22.13
N GLY A 46 -11.51 -2.61 23.04
CA GLY A 46 -12.07 -2.35 24.37
C GLY A 46 -13.58 -2.48 24.42
N GLU A 47 -14.13 -3.29 23.51
CA GLU A 47 -15.57 -3.52 23.43
C GLU A 47 -15.97 -4.76 24.22
N ARG A 48 -17.17 -4.77 24.78
CA ARG A 48 -17.70 -5.99 25.36
C ARG A 48 -17.91 -6.97 24.22
N VAL A 49 -17.42 -8.19 24.38
CA VAL A 49 -17.57 -9.21 23.34
C VAL A 49 -18.11 -10.51 23.91
N PHE A 50 -18.92 -11.18 23.10
CA PHE A 50 -19.38 -12.52 23.41
C PHE A 50 -19.25 -13.37 22.16
N ALA A 51 -18.28 -14.28 22.17
CA ALA A 51 -18.01 -15.15 21.00
C ALA A 51 -18.52 -16.55 21.29
N LEU A 52 -19.27 -17.10 20.36
CA LEU A 52 -19.99 -18.35 20.58
C LEU A 52 -19.62 -19.39 19.54
N THR A 53 -19.45 -20.62 19.98
CA THR A 53 -19.27 -21.76 19.09
C THR A 53 -19.95 -22.97 19.72
N GLY A 54 -20.00 -24.09 19.00
CA GLY A 54 -20.64 -25.26 19.57
C GLY A 54 -20.87 -26.44 18.64
N THR A 55 -21.82 -27.27 19.04
CA THR A 55 -22.09 -28.50 18.31
C THR A 55 -23.58 -28.68 18.15
N ASP A 56 -23.93 -29.14 16.95
CA ASP A 56 -25.29 -29.44 16.52
C ASP A 56 -25.44 -30.96 16.69
N GLU A 57 -26.23 -31.38 17.67
CA GLU A 57 -26.14 -32.76 18.14
C GLU A 57 -27.35 -33.67 17.86
N HIS A 58 -28.42 -33.11 17.31
CA HIS A 58 -29.63 -33.87 17.03
C HIS A 58 -29.73 -34.29 15.59
N GLY A 59 -30.81 -34.97 15.27
CA GLY A 59 -31.16 -35.29 13.89
C GLY A 59 -30.71 -36.66 13.41
N GLN A 60 -31.10 -36.94 12.17
CA GLN A 60 -30.94 -38.26 11.60
C GLN A 60 -29.46 -38.60 11.36
N LYS A 61 -28.76 -37.63 10.79
CA LYS A 61 -27.33 -37.75 10.47
C LYS A 61 -26.54 -38.27 11.66
N VAL A 62 -26.62 -37.52 12.76
CA VAL A 62 -25.91 -37.82 14.00
C VAL A 62 -26.38 -39.14 14.60
N ALA A 63 -27.69 -39.32 14.65
CA ALA A 63 -28.30 -40.54 15.18
C ALA A 63 -27.75 -41.77 14.45
N GLU A 64 -27.62 -41.64 13.13
CA GLU A 64 -27.19 -42.75 12.30
C GLU A 64 -25.67 -42.93 12.32
N ALA A 65 -24.94 -41.85 12.54
CA ALA A 65 -23.49 -41.97 12.77
C ALA A 65 -23.22 -42.73 14.08
N ALA A 66 -24.07 -42.51 15.09
CA ALA A 66 -23.98 -43.24 16.36
C ALA A 66 -24.38 -44.71 16.22
N LYS A 67 -25.19 -45.01 15.21
CA LYS A 67 -25.60 -46.39 14.97
C LYS A 67 -24.48 -47.20 14.29
N GLN A 68 -23.75 -46.54 13.38
CA GLN A 68 -22.59 -47.13 12.72
C GLN A 68 -21.53 -47.54 13.75
N LYS A 69 -21.25 -46.65 14.70
CA LYS A 69 -20.29 -46.90 15.78
C LYS A 69 -20.89 -47.72 16.93
N GLN A 70 -22.16 -48.11 16.81
CA GLN A 70 -22.80 -49.05 17.75
C GLN A 70 -22.75 -48.56 19.21
N VAL A 71 -23.07 -47.29 19.44
CA VAL A 71 -23.19 -46.73 20.79
C VAL A 71 -24.42 -45.82 20.86
N SER A 72 -24.93 -45.56 22.07
CA SER A 72 -26.10 -44.72 22.22
C SER A 72 -25.81 -43.29 21.79
N PRO A 73 -26.82 -42.57 21.29
CA PRO A 73 -26.59 -41.20 20.81
C PRO A 73 -26.10 -40.26 21.91
N TYR A 74 -26.58 -40.46 23.14
CA TYR A 74 -26.15 -39.66 24.27
C TYR A 74 -24.67 -39.87 24.51
N ASP A 75 -24.23 -41.13 24.49
CA ASP A 75 -22.81 -41.43 24.68
C ASP A 75 -21.97 -40.99 23.48
N PHE A 76 -22.50 -41.17 22.27
CA PHE A 76 -21.75 -40.78 21.08
C PHE A 76 -21.54 -39.28 21.06
N THR A 77 -22.64 -38.54 21.16
CA THR A 77 -22.61 -37.10 21.05
C THR A 77 -21.69 -36.51 22.09
N THR A 78 -21.83 -36.90 23.35
CA THR A 78 -20.98 -36.37 24.42
C THR A 78 -19.48 -36.59 24.15
N ALA A 79 -19.12 -37.77 23.65
CA ALA A 79 -17.73 -38.11 23.32
C ALA A 79 -17.15 -37.18 22.25
N VAL A 80 -17.85 -37.08 21.12
CA VAL A 80 -17.39 -36.28 20.01
C VAL A 80 -17.41 -34.81 20.36
N ALA A 81 -18.37 -34.39 21.18
CA ALA A 81 -18.43 -33.02 21.67
C ALA A 81 -17.16 -32.69 22.47
N GLY A 82 -16.69 -33.65 23.25
CA GLY A 82 -15.44 -33.51 24.00
C GLY A 82 -14.20 -33.46 23.12
N GLU A 83 -14.25 -34.06 21.94
CA GLU A 83 -13.16 -33.98 20.97
C GLU A 83 -13.09 -32.61 20.35
N PHE A 84 -14.26 -32.03 20.07
CA PHE A 84 -14.36 -30.64 19.61
C PHE A 84 -13.82 -29.67 20.67
N LYS A 85 -14.23 -29.84 21.92
CA LYS A 85 -13.82 -28.96 23.01
C LYS A 85 -12.33 -29.02 23.19
N LYS A 86 -11.78 -30.23 23.19
CA LYS A 86 -10.36 -30.45 23.30
C LYS A 86 -9.62 -29.81 22.13
N PHE A 88 -10.51 -27.32 20.23
CA PHE A 88 -10.54 -25.87 20.37
C PHE A 88 -9.68 -25.35 21.54
N GLU A 89 -9.56 -26.13 22.60
CA GLU A 89 -8.65 -25.76 23.70
C GLU A 89 -7.20 -25.84 23.21
N GLN A 90 -6.88 -26.85 22.42
CA GLN A 90 -5.52 -27.04 21.92
C GLN A 90 -5.16 -25.96 20.88
N MET A 91 -6.17 -25.43 20.18
CA MET A 91 -5.97 -24.36 19.21
C MET A 91 -5.79 -22.99 19.85
N ASP A 92 -6.05 -22.91 21.16
CA ASP A 92 -5.75 -21.69 21.89
C ASP A 92 -6.64 -20.52 21.44
N TYR A 93 -7.92 -20.80 21.24
CA TYR A 93 -8.91 -19.77 20.96
C TYR A 93 -9.33 -19.10 22.25
N SER A 94 -10.08 -18.02 22.10
CA SER A 94 -10.64 -17.30 23.22
C SER A 94 -12.15 -17.16 23.00
N ILE A 95 -12.83 -18.29 22.85
CA ILE A 95 -14.27 -18.29 22.70
C ILE A 95 -14.93 -18.24 24.06
N ASP A 96 -16.01 -17.48 24.17
CA ASP A 96 -16.64 -17.25 25.47
C ASP A 96 -17.50 -18.40 25.96
N TYR A 97 -18.20 -19.07 25.06
CA TYR A 97 -19.03 -20.18 25.47
C TYR A 97 -19.20 -21.22 24.38
N PHE A 98 -19.24 -22.48 24.81
CA PHE A 98 -19.41 -23.61 23.91
C PHE A 98 -20.83 -24.21 24.13
N ILE A 99 -21.71 -24.06 23.14
CA ILE A 99 -23.09 -24.53 23.28
C ILE A 99 -23.26 -25.91 22.65
N ARG A 100 -24.13 -26.71 23.26
CA ARG A 100 -24.52 -28.01 22.74
C ARG A 100 -26.04 -28.02 22.62
N THR A 101 -26.56 -28.49 21.49
CA THR A 101 -28.00 -28.46 21.28
C THR A 101 -28.74 -29.50 22.16
N THR A 102 -28.00 -30.39 22.83
CA THR A 102 -28.58 -31.30 23.82
C THR A 102 -28.82 -30.59 25.15
N ASN A 103 -28.25 -29.41 25.35
CA ASN A 103 -28.47 -28.63 26.57
C ASN A 103 -29.97 -28.44 26.84
N GLU A 104 -30.37 -28.64 28.09
CA GLU A 104 -31.80 -28.59 28.43
C GLU A 104 -32.41 -27.19 28.28
N GLN A 105 -31.61 -26.14 28.49
CA GLN A 105 -32.09 -24.75 28.39
C GLN A 105 -32.26 -24.33 26.92
N HIS A 106 -31.46 -24.89 26.03
CA HIS A 106 -31.62 -24.64 24.59
C HIS A 106 -32.93 -25.16 24.08
N LYS A 107 -33.25 -26.36 24.57
CA LYS A 107 -34.47 -27.08 24.26
C LYS A 107 -35.68 -26.20 24.56
N ALA A 108 -35.61 -25.53 25.73
CA ALA A 108 -36.67 -24.64 26.19
C ALA A 108 -36.88 -23.48 25.24
N VAL A 109 -35.77 -22.90 24.77
CA VAL A 109 -35.80 -21.76 23.87
C VAL A 109 -36.36 -22.21 22.53
N VAL A 110 -36.03 -23.42 22.10
CA VAL A 110 -36.54 -23.93 20.84
C VAL A 110 -38.05 -24.03 20.86
N LYS A 111 -38.60 -24.57 21.94
CA LYS A 111 -40.05 -24.67 22.11
C LYS A 111 -40.73 -23.30 22.18
N GLU A 112 -40.03 -22.33 22.76
CA GLU A 112 -40.57 -21.00 22.95
C GLU A 112 -40.71 -20.32 21.59
N LEU A 113 -39.67 -20.42 20.78
CA LEU A 113 -39.69 -19.88 19.43
C LEU A 113 -40.74 -20.60 18.58
N TRP A 114 -40.85 -21.91 18.73
CA TRP A 114 -41.84 -22.66 17.96
C TRP A 114 -43.22 -22.13 18.19
N THR A 115 -43.58 -21.98 19.45
CA THR A 115 -44.89 -21.47 19.82
C THR A 115 -45.11 -20.08 19.24
N LYS A 116 -44.07 -19.23 19.27
CA LYS A 116 -44.17 -17.91 18.66
C LYS A 116 -44.55 -18.04 17.19
N LEU A 117 -43.83 -18.88 16.46
CA LEU A 117 -44.11 -19.03 15.03
C LEU A 117 -45.54 -19.49 14.81
N GLU A 118 -46.03 -20.36 15.70
CA GLU A 118 -47.36 -20.94 15.59
C GLU A 118 -48.41 -19.93 16.00
N GLN A 119 -48.22 -19.27 17.13
CA GLN A 119 -49.14 -18.21 17.58
C GLN A 119 -49.29 -17.12 16.50
N LYS A 120 -48.21 -16.92 15.74
CA LYS A 120 -48.19 -15.92 14.70
C LYS A 120 -49.01 -16.30 13.47
N GLY A 121 -49.41 -17.58 13.38
CA GLY A 121 -50.13 -18.11 12.22
C GLY A 121 -49.24 -18.60 11.08
N ASP A 122 -47.95 -18.81 11.36
CA ASP A 122 -46.99 -19.17 10.32
C ASP A 122 -46.56 -20.64 10.28
N ILE A 123 -47.21 -21.48 11.10
CA ILE A 123 -47.03 -22.94 11.01
C ILE A 123 -48.36 -23.66 10.82
N TYR A 124 -48.44 -24.50 9.78
CA TYR A 124 -49.63 -25.32 9.53
C TYR A 124 -49.25 -26.76 9.22
N LEU A 125 -50.21 -27.67 9.32
CA LEU A 125 -49.98 -29.07 8.98
C LEU A 125 -50.14 -29.24 7.47
N GLY A 126 -49.07 -29.73 6.84
CA GLY A 126 -49.07 -30.03 5.40
C GLY A 126 -48.29 -31.31 5.08
N ARG A 127 -47.68 -31.35 3.89
CA ARG A 127 -46.79 -32.45 3.51
C ARG A 127 -45.58 -31.89 2.80
N TYR A 128 -44.45 -32.57 2.94
CA TYR A 128 -43.35 -32.41 2.03
C TYR A 128 -43.26 -33.70 1.26
N GLU A 129 -43.14 -33.59 -0.06
CA GLU A 129 -42.87 -34.75 -0.91
C GLU A 129 -41.76 -34.32 -1.85
N GLY A 130 -40.58 -34.90 -1.66
CA GLY A 130 -39.42 -34.46 -2.41
C GLY A 130 -38.12 -35.00 -1.86
N TRP A 131 -37.04 -34.51 -2.45
CA TRP A 131 -35.72 -34.99 -2.12
C TRP A 131 -35.20 -34.40 -0.84
N TYR A 132 -34.29 -35.13 -0.20
CA TYR A 132 -33.65 -34.70 1.04
C TYR A 132 -32.24 -35.27 1.12
N SER A 133 -31.28 -34.44 1.53
CA SER A 133 -29.93 -34.90 1.85
C SER A 133 -29.83 -35.02 3.36
N ILE A 134 -29.74 -36.26 3.84
CA ILE A 134 -29.56 -36.53 5.27
C ILE A 134 -28.23 -35.97 5.77
N SER A 135 -27.20 -36.11 4.94
CA SER A 135 -25.87 -35.65 5.29
C SER A 135 -25.76 -34.12 5.38
N ASP A 136 -26.65 -33.41 4.70
CA ASP A 136 -26.70 -31.95 4.80
C ASP A 136 -27.96 -31.48 5.52
N GLU A 137 -28.78 -32.44 5.96
CA GLU A 137 -30.07 -32.15 6.55
C GLU A 137 -30.84 -31.10 5.73
N SER A 138 -30.80 -31.25 4.41
CA SER A 138 -31.28 -30.21 3.48
C SER A 138 -32.38 -30.70 2.52
N PHE A 139 -33.41 -29.87 2.36
CA PHE A 139 -34.48 -30.12 1.40
C PHE A 139 -34.05 -29.64 0.03
N LEU A 140 -34.16 -30.49 -0.98
CA LEU A 140 -33.70 -30.14 -2.30
C LEU A 140 -34.80 -30.29 -3.34
N THR A 141 -34.77 -29.42 -4.34
CA THR A 141 -35.67 -29.51 -5.47
C THR A 141 -35.01 -30.37 -6.54
N PRO A 142 -35.79 -30.91 -7.49
CA PRO A 142 -35.20 -31.83 -8.48
C PRO A 142 -34.08 -31.18 -9.33
N GLN A 143 -34.19 -29.87 -9.52
CA GLN A 143 -33.17 -29.10 -10.24
C GLN A 143 -31.82 -29.15 -9.51
N ASN A 144 -31.82 -29.45 -8.22
CA ASN A 144 -30.59 -29.56 -7.44
C ASN A 144 -30.11 -30.98 -7.10
N ILE A 145 -30.67 -32.00 -7.78
CA ILE A 145 -30.14 -33.35 -7.68
C ILE A 145 -29.60 -33.82 -9.02
N THR A 146 -28.86 -34.92 -9.01
CA THR A 146 -28.35 -35.54 -10.22
C THR A 146 -27.94 -36.96 -9.96
N ASP A 147 -27.53 -37.66 -11.02
CA ASP A 147 -27.15 -39.06 -10.91
C ASP A 147 -25.81 -39.23 -10.22
N GLY A 148 -25.64 -40.36 -9.55
CA GLY A 148 -24.41 -40.65 -8.85
C GLY A 148 -24.35 -42.10 -8.43
N VAL A 149 -23.36 -42.42 -7.60
CA VAL A 149 -23.16 -43.76 -7.10
C VAL A 149 -23.07 -43.75 -5.57
N ASP A 150 -23.68 -44.75 -4.95
CA ASP A 150 -23.67 -44.88 -3.48
C ASP A 150 -22.42 -45.65 -3.01
N LYS A 151 -22.26 -45.75 -1.69
CA LYS A 151 -21.18 -46.53 -1.05
C LYS A 151 -20.98 -47.95 -1.61
N ASP A 152 -22.05 -48.54 -2.16
CA ASP A 152 -22.01 -49.89 -2.74
C ASP A 152 -21.63 -49.94 -4.23
N GLY A 153 -21.51 -48.79 -4.89
CA GLY A 153 -21.24 -48.74 -6.33
C GLY A 153 -22.49 -48.82 -7.20
N ASN A 154 -23.66 -48.59 -6.61
CA ASN A 154 -24.94 -48.65 -7.34
C ASN A 154 -25.40 -47.27 -7.78
N PRO A 155 -26.25 -47.22 -8.83
CA PRO A 155 -26.77 -45.94 -9.29
C PRO A 155 -27.81 -45.39 -8.32
N CYS A 156 -27.64 -44.14 -7.93
CA CYS A 156 -28.51 -43.46 -6.99
C CYS A 156 -28.59 -41.99 -7.40
N LYS A 157 -29.25 -41.18 -6.59
CA LYS A 157 -29.23 -39.75 -6.81
C LYS A 157 -28.37 -39.08 -5.74
N VAL A 158 -27.76 -37.95 -6.10
CA VAL A 158 -26.90 -37.20 -5.20
C VAL A 158 -27.20 -35.71 -5.31
N SER A 159 -26.74 -34.94 -4.33
CA SER A 159 -26.87 -33.49 -4.37
C SER A 159 -25.90 -32.86 -5.37
N LEU A 160 -26.38 -31.87 -6.12
CA LEU A 160 -25.48 -31.02 -6.91
C LEU A 160 -24.64 -30.13 -5.96
N GLU A 161 -25.22 -29.75 -4.81
CA GLU A 161 -24.50 -28.98 -3.78
C GLU A 161 -23.29 -29.72 -3.21
N SER A 162 -23.47 -30.94 -2.72
CA SER A 162 -22.43 -31.58 -1.88
C SER A 162 -21.96 -32.97 -2.32
N GLY A 163 -22.65 -33.57 -3.28
CA GLY A 163 -22.30 -34.90 -3.77
C GLY A 163 -22.78 -36.07 -2.91
N HIS A 164 -23.46 -35.78 -1.80
CA HIS A 164 -23.97 -36.85 -0.92
C HIS A 164 -25.26 -37.42 -1.43
N VAL A 165 -25.53 -38.65 -1.03
CA VAL A 165 -26.75 -39.36 -1.41
C VAL A 165 -28.04 -38.68 -0.96
N VAL A 166 -28.98 -38.52 -1.90
CA VAL A 166 -30.30 -37.97 -1.58
C VAL A 166 -31.36 -39.08 -1.60
N THR A 167 -32.40 -38.90 -0.81
CA THR A 167 -33.52 -39.85 -0.75
C THR A 167 -34.85 -39.11 -0.78
N TRP A 168 -35.90 -39.82 -1.18
CA TRP A 168 -37.22 -39.24 -1.37
C TRP A 168 -38.03 -39.35 -0.12
N VAL A 169 -38.56 -38.23 0.32
CA VAL A 169 -39.28 -38.14 1.58
C VAL A 169 -40.73 -37.75 1.28
N SER A 170 -41.68 -38.50 1.85
CA SER A 170 -43.11 -38.19 1.67
C SER A 170 -43.77 -38.29 3.04
N GLU A 171 -43.86 -37.17 3.72
CA GLU A 171 -44.30 -37.14 5.12
C GLU A 171 -45.27 -36.00 5.38
N GLU A 172 -46.27 -36.28 6.20
CA GLU A 172 -47.09 -35.23 6.79
C GLU A 172 -46.20 -34.43 7.77
N ASN A 173 -45.92 -33.18 7.44
CA ASN A 173 -45.00 -32.35 8.22
C ASN A 173 -45.65 -31.03 8.54
N TYR A 174 -45.31 -30.46 9.71
CA TYR A 174 -45.63 -29.07 10.01
C TYR A 174 -44.81 -28.18 9.08
N MET A 175 -45.47 -27.22 8.42
CA MET A 175 -44.84 -26.36 7.41
C MET A 175 -44.77 -24.90 7.90
N PHE A 176 -43.59 -24.28 7.73
CA PHE A 176 -43.40 -22.85 7.99
C PHE A 176 -43.71 -22.07 6.71
N ARG A 177 -44.40 -20.93 6.83
CA ARG A 177 -44.90 -20.19 5.66
C ARG A 177 -43.83 -19.34 4.98
N LEU A 178 -42.71 -19.94 4.59
CA LEU A 178 -41.59 -19.16 4.08
C LEU A 178 -41.95 -18.32 2.86
N SER A 179 -42.87 -18.83 2.04
CA SER A 179 -43.36 -18.13 0.84
C SER A 179 -43.89 -16.72 1.14
N ALA A 180 -44.46 -16.55 2.33
CA ALA A 180 -44.96 -15.23 2.76
C ALA A 180 -43.85 -14.23 3.13
N PHE A 181 -42.60 -14.68 3.19
CA PHE A 181 -41.52 -13.82 3.66
C PHE A 181 -40.59 -13.34 2.56
N ARG A 182 -40.90 -13.67 1.32
CA ARG A 182 -40.09 -13.23 0.20
C ARG A 182 -39.94 -11.72 0.21
N GLU A 183 -41.06 -11.01 0.11
CA GLU A 183 -41.03 -9.56 -0.04
C GLU A 183 -40.29 -8.82 1.11
N ARG A 184 -40.39 -9.34 2.33
CA ARG A 184 -39.71 -8.74 3.47
C ARG A 184 -38.22 -9.08 3.51
N LEU A 185 -37.84 -10.28 3.06
CA LEU A 185 -36.43 -10.65 2.94
C LEU A 185 -35.73 -9.80 1.88
N LEU A 186 -36.38 -9.62 0.73
CA LEU A 186 -35.87 -8.73 -0.30
C LEU A 186 -35.69 -7.28 0.20
N GLU A 187 -36.70 -6.75 0.88
CA GLU A 187 -36.60 -5.43 1.48
C GLU A 187 -35.37 -5.38 2.37
N TRP A 188 -35.20 -6.42 3.18
CA TRP A 188 -34.07 -6.52 4.10
C TRP A 188 -32.72 -6.52 3.43
N TYR A 189 -32.55 -7.31 2.36
CA TYR A 189 -31.25 -7.43 1.70
C TYR A 189 -30.88 -6.11 1.08
N HIS A 190 -31.90 -5.46 0.51
CA HIS A 190 -31.78 -4.18 -0.21
CA HIS A 190 -31.69 -4.20 -0.19
C HIS A 190 -31.50 -3.04 0.75
N ALA A 191 -32.17 -3.06 1.90
CA ALA A 191 -32.03 -1.97 2.88
C ALA A 191 -30.73 -2.08 3.66
N ASN A 192 -30.04 -3.21 3.53
CA ASN A 192 -28.84 -3.46 4.29
C ASN A 192 -27.82 -4.15 3.39
N PRO A 193 -27.27 -3.41 2.42
CA PRO A 193 -26.51 -4.02 1.35
C PRO A 193 -25.12 -4.51 1.75
N GLY A 194 -24.76 -4.42 3.03
CA GLY A 194 -23.54 -5.05 3.50
C GLY A 194 -23.83 -6.19 4.47
N CYS A 195 -25.08 -6.62 4.56
CA CYS A 195 -25.47 -7.62 5.54
C CYS A 195 -25.02 -9.04 5.22
N ILE A 196 -24.59 -9.29 3.99
CA ILE A 196 -24.03 -10.60 3.63
C ILE A 196 -22.71 -10.40 2.89
N VAL A 197 -21.63 -11.01 3.38
CA VAL A 197 -20.29 -10.87 2.79
C VAL A 197 -19.75 -12.24 2.37
N PRO A 198 -18.98 -12.32 1.27
CA PRO A 198 -18.70 -11.27 0.30
C PRO A 198 -19.88 -10.98 -0.62
N GLU A 199 -19.74 -9.89 -1.35
CA GLU A 199 -20.81 -9.37 -2.18
C GLU A 199 -21.41 -10.41 -3.12
N PHE A 200 -20.60 -11.22 -3.79
CA PHE A 200 -21.15 -12.14 -4.78
C PHE A 200 -22.06 -13.20 -4.16
N ARG A 201 -21.82 -13.54 -2.90
CA ARG A 201 -22.72 -14.42 -2.16
C ARG A 201 -24.00 -13.72 -1.74
N ARG A 202 -23.91 -12.43 -1.46
CA ARG A 202 -25.12 -11.64 -1.23
C ARG A 202 -25.98 -11.65 -2.47
N ARG A 203 -25.36 -11.48 -3.63
CA ARG A 203 -26.10 -11.51 -4.88
C ARG A 203 -26.74 -12.87 -5.11
N GLU A 204 -26.02 -13.94 -4.77
CA GLU A 204 -26.60 -15.28 -4.86
C GLU A 204 -27.90 -15.39 -4.07
N VAL A 205 -27.89 -14.87 -2.86
CA VAL A 205 -29.05 -15.03 -2.00
C VAL A 205 -30.22 -14.28 -2.59
N ILE A 206 -30.00 -13.06 -3.07
CA ILE A 206 -31.09 -12.27 -3.63
C ILE A 206 -31.68 -12.98 -4.83
N ARG A 207 -30.82 -13.40 -5.76
CA ARG A 207 -31.25 -14.16 -6.94
C ARG A 207 -32.17 -15.29 -6.59
N ALA A 208 -31.82 -16.02 -5.53
CA ALA A 208 -32.61 -17.18 -5.11
C ALA A 208 -33.98 -16.75 -4.60
N VAL A 209 -34.02 -15.76 -3.72
CA VAL A 209 -35.30 -15.30 -3.16
C VAL A 209 -36.17 -14.62 -4.22
N GLU A 210 -35.54 -13.94 -5.18
CA GLU A 210 -36.28 -13.31 -6.26
C GLU A 210 -37.19 -14.31 -6.95
N LYS A 211 -36.65 -15.48 -7.25
CA LYS A 211 -37.35 -16.52 -8.00
C LYS A 211 -38.66 -16.95 -7.31
N GLY A 212 -38.62 -17.05 -5.99
CA GLY A 212 -39.79 -17.41 -5.21
C GLY A 212 -39.39 -18.43 -4.17
N LEU A 213 -40.16 -18.52 -3.09
CA LEU A 213 -39.86 -19.42 -1.99
C LEU A 213 -41.01 -20.40 -1.73
N PRO A 214 -40.69 -21.69 -1.61
CA PRO A 214 -41.66 -22.65 -1.12
C PRO A 214 -41.69 -22.66 0.41
N ASP A 215 -42.81 -23.11 0.97
CA ASP A 215 -42.90 -23.29 2.40
C ASP A 215 -41.91 -24.37 2.82
N LEU A 216 -41.44 -24.27 4.04
CA LEU A 216 -40.38 -25.11 4.53
C LEU A 216 -40.94 -26.05 5.57
N SER A 217 -40.52 -27.30 5.48
CA SER A 217 -40.89 -28.30 6.47
C SER A 217 -40.09 -28.07 7.75
N VAL A 218 -40.78 -27.87 8.86
CA VAL A 218 -40.11 -27.59 10.12
C VAL A 218 -40.34 -28.72 11.14
N SER A 219 -40.97 -29.81 10.72
CA SER A 219 -41.04 -31.03 11.53
C SER A 219 -40.93 -32.29 10.67
N ARG A 220 -40.55 -33.39 11.34
CA ARG A 220 -40.49 -34.71 10.70
C ARG A 220 -41.19 -35.75 11.57
N ALA A 221 -41.64 -36.82 10.95
CA ALA A 221 -42.12 -37.98 11.67
C ALA A 221 -41.02 -38.50 12.60
N ARG A 222 -41.39 -38.88 13.82
CA ARG A 222 -40.39 -39.19 14.87
C ARG A 222 -39.61 -40.49 14.62
N ALA A 223 -40.23 -41.46 13.96
CA ALA A 223 -39.52 -42.68 13.63
C ALA A 223 -38.31 -42.35 12.76
N THR A 224 -38.50 -41.44 11.80
CA THR A 224 -37.48 -41.10 10.82
C THR A 224 -36.22 -40.58 11.48
N LEU A 225 -36.37 -39.84 12.59
CA LEU A 225 -35.25 -39.24 13.30
C LEU A 225 -34.72 -40.15 14.41
N HIS A 226 -35.17 -41.40 14.45
CA HIS A 226 -34.78 -42.33 15.52
C HIS A 226 -34.94 -41.67 16.88
N ASN A 227 -36.02 -40.89 17.00
CA ASN A 227 -36.37 -40.18 18.23
C ASN A 227 -35.22 -39.38 18.86
N TRP A 228 -34.39 -38.79 18.00
CA TRP A 228 -33.21 -38.05 18.45
C TRP A 228 -33.31 -36.62 17.98
N ALA A 229 -34.12 -35.85 18.69
CA ALA A 229 -34.57 -34.56 18.25
C ALA A 229 -35.42 -33.94 19.35
N ILE A 230 -35.98 -32.75 19.14
CA ILE A 230 -36.81 -32.07 20.13
C ILE A 230 -38.28 -32.21 19.74
N PRO A 231 -39.11 -32.78 20.61
CA PRO A 231 -40.52 -32.89 20.24
C PRO A 231 -41.18 -31.53 19.91
N VAL A 232 -42.02 -31.53 18.88
CA VAL A 232 -42.89 -30.40 18.59
C VAL A 232 -43.88 -30.20 19.74
N PRO A 233 -44.00 -28.97 20.23
CA PRO A 233 -44.96 -28.70 21.31
C PRO A 233 -46.39 -29.02 20.94
N GLY A 234 -47.03 -29.85 21.76
CA GLY A 234 -48.41 -30.21 21.55
C GLY A 234 -48.63 -31.24 20.46
N ASN A 235 -47.55 -31.82 19.94
CA ASN A 235 -47.66 -32.94 19.01
C ASN A 235 -46.46 -33.84 19.13
N PRO A 236 -46.51 -34.80 20.08
CA PRO A 236 -45.42 -35.73 20.36
C PRO A 236 -45.06 -36.66 19.20
N ASP A 237 -45.89 -36.77 18.18
CA ASP A 237 -45.56 -37.58 17.00
C ASP A 237 -44.49 -36.92 16.11
N HIS A 238 -44.28 -35.62 16.29
CA HIS A 238 -43.32 -34.87 15.48
C HIS A 238 -42.12 -34.39 16.25
N VAL A 240 -38.88 -31.39 15.97
CA VAL A 240 -38.49 -30.16 15.30
C VAL A 240 -37.29 -30.39 14.36
N TYR A 241 -37.44 -29.96 13.11
CA TYR A 241 -36.36 -29.91 12.13
C TYR A 241 -34.99 -29.58 12.76
N VAL A 242 -33.98 -30.39 12.45
CA VAL A 242 -32.67 -30.19 13.07
C VAL A 242 -32.16 -28.77 12.85
N TRP A 243 -32.61 -28.13 11.78
CA TRP A 243 -32.11 -26.79 11.44
C TRP A 243 -32.76 -25.68 12.19
N LEU A 244 -34.07 -25.77 12.42
CA LEU A 244 -34.75 -24.80 13.27
C LEU A 244 -34.18 -24.92 14.69
N ASP A 245 -33.95 -26.15 15.12
CA ASP A 245 -33.27 -26.45 16.37
C ASP A 245 -31.89 -25.81 16.36
N ALA A 246 -31.08 -26.14 15.36
CA ALA A 246 -29.69 -25.66 15.32
C ALA A 246 -29.57 -24.14 15.24
N LEU A 247 -30.36 -23.48 14.39
CA LEU A 247 -30.24 -22.02 14.23
C LEU A 247 -30.60 -21.31 15.52
N THR A 248 -31.46 -21.93 16.31
CA THR A 248 -31.88 -21.35 17.57
C THR A 248 -30.74 -21.32 18.57
N ASN A 249 -29.59 -21.97 18.30
CA ASN A 249 -28.47 -21.90 19.24
C ASN A 249 -28.06 -20.44 19.45
N TYR A 250 -28.17 -19.65 18.39
CA TYR A 250 -27.76 -18.27 18.44
C TYR A 250 -28.60 -17.50 19.45
N LEU A 251 -29.93 -17.73 19.42
CA LEU A 251 -30.84 -17.09 20.38
C LEU A 251 -30.55 -17.58 21.80
N THR A 252 -30.45 -18.90 21.94
CA THR A 252 -30.14 -19.48 23.24
C THR A 252 -28.87 -18.89 23.81
N GLY A 253 -27.81 -18.90 23.01
CA GLY A 253 -26.52 -18.41 23.47
C GLY A 253 -26.58 -16.97 23.94
N SER A 254 -27.44 -16.18 23.29
CA SER A 254 -27.61 -14.78 23.66
C SER A 254 -28.29 -14.62 25.03
N ARG A 255 -28.91 -15.69 25.52
CA ARG A 255 -29.69 -15.66 26.76
C ARG A 255 -29.09 -16.48 27.91
N LEU A 256 -27.88 -16.98 27.74
CA LEU A 256 -27.25 -17.79 28.78
C LEU A 256 -26.22 -17.00 29.56
N ARG A 257 -26.42 -16.90 30.87
CA ARG A 257 -25.41 -16.35 31.78
C ARG A 257 -24.38 -17.43 32.10
N VAL A 258 -23.11 -17.12 31.90
CA VAL A 258 -22.02 -18.10 31.98
C VAL A 258 -21.05 -17.78 33.13
N ASP A 259 -20.66 -18.80 33.90
CA ASP A 259 -19.71 -18.64 35.03
C ASP A 259 -18.24 -18.57 34.57
N GLU A 260 -17.33 -18.33 35.51
CA GLU A 260 -15.87 -18.21 35.22
C GLU A 260 -15.30 -19.45 34.52
N SER A 261 -15.76 -20.62 34.96
CA SER A 261 -15.37 -21.90 34.36
C SER A 261 -15.89 -22.09 32.92
N GLY A 262 -16.92 -21.36 32.55
CA GLY A 262 -17.49 -21.42 31.20
C GLY A 262 -18.66 -22.37 31.04
N LYS A 263 -19.38 -22.61 32.15
CA LYS A 263 -20.56 -23.47 32.17
C LYS A 263 -21.82 -22.62 32.28
N GLU A 264 -22.87 -23.00 31.55
CA GLU A 264 -24.15 -22.28 31.60
C GLU A 264 -24.74 -22.41 33.00
N VAL A 265 -25.17 -21.29 33.58
CA VAL A 265 -25.80 -21.33 34.90
C VAL A 265 -27.21 -20.75 34.95
N SER A 266 -27.70 -20.16 33.86
CA SER A 266 -28.98 -19.45 33.91
C SER A 266 -29.48 -19.06 32.52
N LEU A 267 -30.78 -19.22 32.27
CA LEU A 267 -31.41 -18.78 31.03
C LEU A 267 -32.41 -17.66 31.29
N VAL A 268 -32.09 -16.47 30.81
CA VAL A 268 -32.95 -15.29 31.00
C VAL A 268 -34.16 -15.31 30.06
N ASP A 269 -35.26 -14.71 30.52
CA ASP A 269 -36.54 -14.72 29.78
C ASP A 269 -36.48 -13.96 28.47
N ASP A 270 -35.75 -12.85 28.49
CA ASP A 270 -35.75 -11.85 27.44
C ASP A 270 -34.29 -11.63 27.01
N PHE A 271 -34.02 -11.57 25.71
CA PHE A 271 -32.66 -11.35 25.22
C PHE A 271 -32.06 -9.99 25.61
N ASN A 272 -32.87 -8.93 25.64
CA ASN A 272 -32.41 -7.60 26.02
C ASN A 272 -31.66 -7.57 27.35
N GLU A 273 -31.85 -8.61 28.16
CA GLU A 273 -31.26 -8.70 29.48
C GLU A 273 -29.75 -8.77 29.41
N LEU A 274 -29.22 -9.50 28.42
CA LEU A 274 -27.78 -9.68 28.29
C LEU A 274 -27.18 -8.84 27.15
N GLU A 275 -28.04 -8.17 26.37
CA GLU A 275 -27.60 -7.22 25.33
C GLU A 275 -26.69 -7.84 24.25
N ARG A 276 -26.95 -9.09 23.87
CA ARG A 276 -26.16 -9.77 22.85
C ARG A 276 -26.89 -9.88 21.52
N PHE A 277 -28.15 -10.30 21.59
CA PHE A 277 -28.96 -10.55 20.40
C PHE A 277 -29.37 -9.21 19.79
N PRO A 278 -29.37 -9.14 18.44
CA PRO A 278 -28.99 -10.15 17.47
C PRO A 278 -27.50 -10.17 17.19
N ALA A 279 -27.01 -11.28 16.65
CA ALA A 279 -25.62 -11.40 16.29
C ALA A 279 -25.19 -10.26 15.37
N ASP A 280 -24.03 -9.72 15.66
CA ASP A 280 -23.42 -8.68 14.85
C ASP A 280 -22.74 -9.33 13.65
N VAL A 281 -22.20 -10.53 13.84
CA VAL A 281 -21.57 -11.31 12.76
C VAL A 281 -21.80 -12.79 12.97
N HIS A 282 -22.39 -13.46 11.99
CA HIS A 282 -22.43 -14.91 11.95
C HIS A 282 -21.38 -15.32 10.97
N VAL A 283 -20.29 -15.92 11.48
CA VAL A 283 -19.31 -16.58 10.60
C VAL A 283 -19.88 -17.93 10.17
N ILE A 284 -19.94 -18.17 8.85
CA ILE A 284 -20.36 -19.48 8.32
C ILE A 284 -19.55 -19.90 7.08
N GLY A 285 -19.65 -21.16 6.71
CA GLY A 285 -19.13 -21.63 5.44
C GLY A 285 -20.21 -21.54 4.36
N LYS A 286 -19.79 -21.44 3.11
CA LYS A 286 -20.70 -21.29 1.97
C LYS A 286 -21.75 -22.39 1.88
N ASP A 287 -21.42 -23.56 2.39
CA ASP A 287 -22.35 -24.68 2.35
C ASP A 287 -23.65 -24.47 3.13
N ILE A 288 -23.68 -23.51 4.06
CA ILE A 288 -24.85 -23.32 4.91
C ILE A 288 -25.42 -21.91 4.82
N LEU A 289 -25.26 -21.26 3.67
CA LEU A 289 -25.72 -19.89 3.48
C LEU A 289 -27.25 -19.74 3.47
N LYS A 290 -27.96 -20.68 2.86
CA LYS A 290 -29.40 -20.54 2.72
C LYS A 290 -30.05 -20.55 4.09
N PHE A 291 -29.56 -21.44 4.94
CA PHE A 291 -30.09 -21.59 6.30
C PHE A 291 -30.01 -20.26 7.07
N HIS A 292 -28.86 -19.59 6.95
CA HIS A 292 -28.59 -18.35 7.70
C HIS A 292 -29.11 -17.08 7.04
N ALA A 293 -29.17 -17.07 5.71
CA ALA A 293 -29.52 -15.86 4.95
C ALA A 293 -30.98 -15.81 4.52
N ILE A 294 -31.63 -16.97 4.43
CA ILE A 294 -33.04 -17.06 4.01
C ILE A 294 -33.92 -17.53 5.16
N TYR A 295 -33.71 -18.76 5.64
CA TYR A 295 -34.57 -19.32 6.70
C TYR A 295 -34.53 -18.51 7.98
N TRP A 296 -33.32 -18.26 8.47
CA TRP A 296 -33.11 -17.65 9.78
C TRP A 296 -33.83 -16.33 9.89
N PRO A 297 -33.59 -15.40 8.94
CA PRO A 297 -34.30 -14.13 8.98
C PRO A 297 -35.81 -14.28 8.95
N ALA A 298 -36.31 -15.23 8.17
CA ALA A 298 -37.75 -15.47 8.06
C ALA A 298 -38.38 -15.86 9.40
N PHE A 299 -37.72 -16.75 10.14
CA PHE A 299 -38.20 -17.15 11.48
C PHE A 299 -38.16 -15.96 12.43
N LEU A 300 -37.11 -15.17 12.34
CA LEU A 300 -36.96 -14.01 13.20
C LEU A 300 -38.04 -12.98 12.88
N LEU A 301 -38.28 -12.71 11.59
CA LEU A 301 -39.35 -11.80 11.20
C LEU A 301 -40.70 -12.31 11.71
N SER A 302 -40.92 -13.62 11.65
CA SER A 302 -42.18 -14.21 12.12
C SER A 302 -42.33 -14.04 13.63
N ALA A 303 -41.26 -14.34 14.35
CA ALA A 303 -41.27 -14.22 15.80
C ALA A 303 -41.31 -12.77 16.29
N GLY A 304 -41.01 -11.82 15.43
CA GLY A 304 -40.81 -10.45 15.85
C GLY A 304 -39.50 -10.22 16.61
N LEU A 305 -38.48 -11.03 16.30
CA LEU A 305 -37.16 -10.82 16.88
C LEU A 305 -36.34 -10.02 15.90
N PRO A 306 -35.26 -9.36 16.36
CA PRO A 306 -34.47 -8.57 15.42
C PRO A 306 -33.53 -9.43 14.58
N LEU A 307 -33.14 -8.93 13.42
CA LEU A 307 -32.28 -9.68 12.49
C LEU A 307 -30.80 -9.40 12.71
N PRO A 308 -29.93 -10.35 12.37
CA PRO A 308 -28.47 -10.18 12.48
C PRO A 308 -27.94 -9.06 11.60
N LYS A 309 -26.80 -8.50 11.97
CA LYS A 309 -26.29 -7.37 11.25
C LYS A 309 -25.49 -7.80 10.03
N LYS A 310 -24.71 -8.87 10.16
CA LYS A 310 -23.89 -9.40 9.05
C LYS A 310 -23.77 -10.93 9.09
N ILE A 311 -23.86 -11.56 7.92
CA ILE A 311 -23.46 -12.95 7.76
C ILE A 311 -22.21 -13.00 6.85
N VAL A 312 -21.13 -13.62 7.29
CA VAL A 312 -19.94 -13.79 6.42
C VAL A 312 -19.71 -15.27 6.11
N ALA A 313 -19.63 -15.60 4.83
CA ALA A 313 -19.54 -16.99 4.37
C ALA A 313 -18.23 -17.19 3.63
N HIS A 314 -17.42 -18.15 4.08
CA HIS A 314 -16.09 -18.38 3.53
C HIS A 314 -16.08 -19.64 2.71
N GLY A 315 -14.96 -19.94 2.05
CA GLY A 315 -14.81 -21.14 1.22
C GLY A 315 -14.27 -22.38 1.92
N TRP A 316 -14.01 -23.41 1.11
CA TRP A 316 -13.51 -24.71 1.59
C TRP A 316 -12.04 -24.87 1.31
N TRP A 317 -11.33 -25.57 2.19
CA TRP A 317 -9.89 -25.84 2.03
C TRP A 317 -9.59 -27.11 1.30
N THR A 318 -8.40 -27.12 0.70
CA THR A 318 -7.80 -28.32 0.10
C THR A 318 -6.33 -28.36 0.55
N LYS A 319 -5.73 -29.55 0.54
CA LYS A 319 -4.28 -29.69 0.77
C LYS A 319 -3.65 -30.17 -0.53
N ASP A 320 -2.57 -29.50 -0.95
CA ASP A 320 -1.82 -29.86 -2.17
C ASP A 320 -2.71 -29.97 -3.42
N ARG A 321 -3.68 -29.06 -3.54
CA ARG A 321 -4.64 -29.02 -4.66
C ARG A 321 -5.55 -30.25 -4.77
N LYS A 322 -5.70 -31.02 -3.69
CA LYS A 322 -6.59 -32.19 -3.65
C LYS A 322 -7.48 -32.08 -2.43
N LYS A 323 -8.66 -32.72 -2.46
CA LYS A 323 -9.57 -32.65 -1.32
C LYS A 323 -8.96 -33.34 -0.09
N ILE A 324 -9.24 -32.77 1.08
CA ILE A 324 -8.84 -33.37 2.35
C ILE A 324 -9.79 -34.53 2.67
N SER A 325 -9.21 -35.69 3.00
CA SER A 325 -9.95 -36.83 3.51
C SER A 325 -8.94 -37.91 3.91
N LYS A 326 -9.07 -38.41 5.14
CA LYS A 326 -8.22 -39.51 5.66
C LYS A 326 -8.37 -40.75 4.77
N SER A 327 -9.58 -40.99 4.29
CA SER A 327 -9.89 -42.15 3.43
C SER A 327 -9.24 -42.08 2.04
N LEU A 328 -9.12 -40.87 1.48
CA LEU A 328 -8.52 -40.67 0.14
C LEU A 328 -6.99 -40.65 0.14
N GLY A 329 -6.37 -40.55 1.31
CA GLY A 329 -4.91 -40.54 1.41
C GLY A 329 -4.33 -39.14 1.29
N ASN A 330 -4.92 -38.20 2.03
CA ASN A 330 -4.48 -36.82 2.08
C ASN A 330 -5.11 -36.12 3.29
N VAL A 331 -4.38 -36.08 4.38
CA VAL A 331 -4.88 -35.53 5.64
C VAL A 331 -4.27 -34.17 5.89
N PHE A 332 -4.96 -33.37 6.70
CA PHE A 332 -4.47 -32.08 7.15
C PHE A 332 -4.84 -31.85 8.62
N ASP A 333 -3.91 -32.20 9.50
CA ASP A 333 -4.15 -32.11 10.94
C ASP A 333 -3.64 -30.78 11.49
N PRO A 334 -4.56 -29.86 11.81
CA PRO A 334 -4.18 -28.54 12.31
C PRO A 334 -3.21 -28.59 13.48
N VAL A 335 -3.53 -29.40 14.49
CA VAL A 335 -2.66 -29.54 15.65
C VAL A 335 -1.28 -30.04 15.24
N GLU A 336 -1.23 -30.97 14.30
CA GLU A 336 0.05 -31.53 13.87
C GLU A 336 0.90 -30.46 13.18
N LYS A 337 0.28 -29.74 12.25
CA LYS A 337 0.99 -28.69 11.52
C LYS A 337 1.33 -27.50 12.44
N ALA A 338 0.53 -27.31 13.50
CA ALA A 338 0.79 -26.25 14.47
C ALA A 338 1.94 -26.60 15.42
N GLU A 339 2.12 -27.89 15.71
CA GLU A 339 3.27 -28.32 16.50
C GLU A 339 4.55 -28.20 15.67
N GLU A 340 4.44 -28.45 14.35
CA GLU A 340 5.60 -28.40 13.44
C GLU A 340 6.09 -26.97 13.20
N PHE A 341 5.17 -26.03 12.96
CA PHE A 341 5.51 -24.67 12.58
C PHE A 341 5.10 -23.59 13.60
N GLY A 342 4.26 -23.94 14.57
CA GLY A 342 3.79 -22.98 15.56
C GLY A 342 2.33 -22.61 15.35
N TYR A 343 1.59 -22.48 16.46
CA TYR A 343 0.18 -22.12 16.43
C TYR A 343 -0.16 -20.77 15.79
N ASP A 344 0.47 -19.69 16.22
CA ASP A 344 0.22 -18.40 15.57
C ASP A 344 0.54 -18.40 14.07
N ALA A 345 1.65 -19.04 13.70
CA ALA A 345 2.08 -19.10 12.31
C ALA A 345 1.04 -19.81 11.46
N LEU A 346 0.55 -20.94 11.96
CA LEU A 346 -0.47 -21.69 11.25
C LEU A 346 -1.72 -20.83 11.08
N LYS A 347 -2.11 -20.14 12.14
CA LYS A 347 -3.28 -19.28 12.08
C LYS A 347 -3.04 -18.21 11.03
N TYR A 348 -1.89 -17.55 11.12
CA TYR A 348 -1.54 -16.50 10.16
C TYR A 348 -1.71 -17.01 8.74
N PHE A 349 -1.13 -18.16 8.47
CA PHE A 349 -1.22 -18.73 7.14
C PHE A 349 -2.68 -18.93 6.69
N LEU A 350 -3.51 -19.56 7.52
CA LEU A 350 -4.91 -19.80 7.16
C LEU A 350 -5.70 -18.51 6.98
N LEU A 351 -5.31 -17.47 7.70
CA LEU A 351 -5.98 -16.18 7.58
C LEU A 351 -5.42 -15.29 6.45
N ARG A 352 -4.21 -15.58 6.00
CA ARG A 352 -3.54 -14.79 4.98
C ARG A 352 -3.60 -15.41 3.59
N GLU A 353 -3.42 -16.73 3.52
CA GLU A 353 -3.32 -17.41 2.22
C GLU A 353 -4.58 -17.28 1.38
N SER A 354 -5.73 -17.19 2.04
CA SER A 354 -6.99 -17.10 1.32
C SER A 354 -8.01 -16.14 1.94
N GLY A 355 -8.70 -15.42 1.07
CA GLY A 355 -9.84 -14.59 1.47
C GLY A 355 -11.13 -15.40 1.47
N PHE A 356 -12.19 -14.78 2.00
CA PHE A 356 -13.51 -15.44 2.11
C PHE A 356 -14.16 -15.76 0.76
N SER A 357 -13.73 -15.04 -0.28
CA SER A 357 -14.17 -15.33 -1.64
C SER A 357 -13.61 -16.68 -2.16
N ASP A 358 -12.47 -17.11 -1.63
CA ASP A 358 -11.70 -18.18 -2.27
C ASP A 358 -11.73 -19.51 -1.52
N ASP A 359 -11.50 -20.59 -2.27
CA ASP A 359 -11.21 -21.89 -1.70
C ASP A 359 -9.70 -22.06 -1.58
N GLY A 360 -9.18 -21.73 -0.40
CA GLY A 360 -7.74 -21.75 -0.14
C GLY A 360 -7.08 -23.11 -0.32
N ASP A 361 -5.75 -23.08 -0.42
CA ASP A 361 -4.96 -24.29 -0.54
C ASP A 361 -3.71 -24.29 0.38
N TYR A 362 -3.60 -25.32 1.21
CA TYR A 362 -2.43 -25.54 2.04
C TYR A 362 -1.36 -26.38 1.33
N SER A 363 -0.10 -25.98 1.50
CA SER A 363 1.04 -26.86 1.22
C SER A 363 2.18 -26.54 2.21
N ASP A 364 2.98 -27.53 2.54
CA ASP A 364 4.15 -27.30 3.37
C ASP A 364 5.07 -26.28 2.70
N LYS A 365 5.16 -26.33 1.38
CA LYS A 365 5.98 -25.39 0.62
C LYS A 365 5.59 -23.96 0.92
N ASN A 366 4.30 -23.65 0.73
CA ASN A 366 3.82 -22.27 0.87
C ASN A 366 3.74 -21.83 2.32
N MET A 367 3.50 -22.79 3.20
CA MET A 367 3.48 -22.50 4.64
C MET A 367 4.87 -22.04 5.06
N ILE A 368 5.92 -22.69 4.54
CA ILE A 368 7.28 -22.30 4.84
C ILE A 368 7.60 -20.96 4.18
N ALA A 369 7.23 -20.81 2.91
CA ALA A 369 7.41 -19.55 2.22
C ALA A 369 6.92 -18.38 3.07
N ARG A 370 5.70 -18.48 3.59
CA ARG A 370 5.12 -17.38 4.38
C ARG A 370 5.76 -17.22 5.76
N LEU A 371 5.98 -18.33 6.44
CA LEU A 371 6.66 -18.33 7.73
C LEU A 371 8.00 -17.63 7.59
N ASN A 372 8.85 -18.14 6.69
CA ASN A 372 10.17 -17.55 6.42
C ASN A 372 10.12 -16.12 5.89
N GLY A 373 9.28 -15.92 4.87
CA GLY A 373 9.18 -14.66 4.15
C GLY A 373 8.54 -13.57 4.99
N GLU A 374 7.30 -13.76 5.38
CA GLU A 374 6.56 -12.71 6.06
C GLU A 374 6.87 -12.65 7.55
N LEU A 375 6.74 -13.79 8.23
CA LEU A 375 6.83 -13.77 9.69
C LEU A 375 8.25 -13.56 10.15
N ALA A 376 9.20 -14.32 9.60
CA ALA A 376 10.61 -14.21 10.00
C ALA A 376 11.31 -12.97 9.40
N ASP A 377 11.36 -12.87 8.07
CA ASP A 377 12.13 -11.80 7.42
C ASP A 377 11.50 -10.44 7.54
N THR A 378 10.18 -10.34 7.47
CA THR A 378 9.55 -9.01 7.57
C THR A 378 9.34 -8.62 9.03
N LEU A 379 8.63 -9.44 9.80
CA LEU A 379 8.26 -9.05 11.18
C LEU A 379 9.32 -9.43 12.22
N GLY A 380 9.78 -10.68 12.18
CA GLY A 380 10.78 -11.13 13.12
C GLY A 380 12.07 -10.34 13.05
N ASN A 381 12.67 -10.33 11.87
CA ASN A 381 13.92 -9.61 11.66
C ASN A 381 13.81 -8.17 12.16
N LEU A 382 12.66 -7.55 11.91
CA LEU A 382 12.43 -6.15 12.29
C LEU A 382 12.41 -5.95 13.79
N VAL A 383 11.76 -6.86 14.49
CA VAL A 383 11.65 -6.80 15.95
C VAL A 383 13.02 -6.97 16.59
N MET A 384 13.82 -7.86 16.04
CA MET A 384 15.15 -8.13 16.57
C MET A 384 16.09 -6.95 16.32
N ARG A 385 15.96 -6.30 15.16
CA ARG A 385 16.80 -5.13 14.86
C ARG A 385 16.61 -3.97 15.81
N CYS A 386 15.36 -3.63 16.10
CA CYS A 386 15.08 -2.45 16.92
C CYS A 386 15.22 -2.72 18.41
N THR A 387 15.48 -3.97 18.77
CA THR A 387 15.75 -4.35 20.16
C THR A 387 17.19 -4.87 20.35
N SER A 388 17.92 -4.99 19.24
CA SER A 388 19.32 -5.42 19.26
C SER A 388 20.15 -4.54 20.19
N ALA A 389 21.02 -5.16 20.99
CA ALA A 389 22.00 -4.43 21.81
C ALA A 389 23.02 -3.65 20.94
N LYS A 390 23.19 -4.12 19.72
CA LYS A 390 24.08 -3.51 18.73
C LYS A 390 23.53 -2.18 18.23
N ILE A 391 22.23 -2.13 17.96
CA ILE A 391 21.57 -0.93 17.43
C ILE A 391 20.99 -0.06 18.56
N ASN A 392 20.12 -0.66 19.35
CA ASN A 392 19.55 -0.02 20.52
C ASN A 392 20.50 -0.18 21.71
N VAL A 393 21.53 0.66 21.72
CA VAL A 393 22.61 0.58 22.71
C VAL A 393 22.12 0.71 24.16
N ASN A 394 21.13 1.55 24.40
CA ASN A 394 20.64 1.81 25.75
C ASN A 394 19.46 0.94 26.19
N GLY A 395 18.98 0.07 25.30
CA GLY A 395 17.84 -0.79 25.59
C GLY A 395 16.64 -0.01 26.07
N GLU A 396 16.23 0.98 25.29
CA GLU A 396 15.07 1.79 25.64
C GLU A 396 14.50 2.47 24.42
N TRP A 397 13.31 3.04 24.55
CA TRP A 397 12.71 3.88 23.52
C TRP A 397 13.39 5.21 23.59
N PRO A 398 14.11 5.60 22.52
CA PRO A 398 14.77 6.90 22.59
C PRO A 398 13.81 8.04 22.36
N SER A 399 14.30 9.23 22.65
CA SER A 399 13.60 10.46 22.33
C SER A 399 13.92 10.83 20.87
N PRO A 400 12.90 10.96 20.00
CA PRO A 400 13.21 11.34 18.63
C PRO A 400 13.68 12.76 18.50
N ALA A 401 14.63 12.99 17.61
CA ALA A 401 15.04 14.32 17.18
C ALA A 401 14.13 14.76 16.03
N ALA A 402 14.53 15.79 15.29
CA ALA A 402 13.71 16.33 14.20
C ALA A 402 13.48 15.28 13.13
N TYR A 403 12.27 15.28 12.57
CA TYR A 403 11.89 14.34 11.51
C TYR A 403 12.16 14.87 10.09
N THR A 404 12.84 14.07 9.27
CA THR A 404 12.96 14.33 7.83
C THR A 404 11.65 14.00 7.14
N GLU A 405 11.50 14.44 5.89
CA GLU A 405 10.32 14.09 5.09
C GLU A 405 10.16 12.58 4.89
N GLU A 406 11.27 11.89 4.67
CA GLU A 406 11.22 10.44 4.55
C GLU A 406 10.72 9.85 5.87
N ASP A 407 11.19 10.41 7.00
CA ASP A 407 10.67 10.02 8.32
C ASP A 407 9.17 10.18 8.35
N GLU A 408 8.70 11.37 8.04
CA GLU A 408 7.28 11.64 8.08
C GLU A 408 6.47 10.76 7.12
N SER A 409 7.05 10.36 6.00
CA SER A 409 6.30 9.55 5.02
C SER A 409 5.93 8.23 5.67
N LEU A 410 6.87 7.66 6.40
CA LEU A 410 6.66 6.40 7.10
C LEU A 410 5.65 6.59 8.25
N ILE A 411 5.78 7.68 8.99
CA ILE A 411 4.88 8.00 10.11
C ILE A 411 3.42 8.10 9.63
N GLN A 412 3.22 8.69 8.47
CA GLN A 412 1.87 8.80 7.95
C GLN A 412 1.32 7.41 7.78
N LEU A 413 2.10 6.54 7.13
CA LEU A 413 1.64 5.18 6.90
C LEU A 413 1.23 4.54 8.23
N ILE A 414 2.02 4.78 9.28
CA ILE A 414 1.68 4.24 10.59
C ILE A 414 0.43 4.93 11.16
N LYS A 415 0.32 6.23 10.97
CA LYS A 415 -0.85 6.94 11.50
C LYS A 415 -2.13 6.45 10.84
N ASP A 416 -2.05 6.08 9.56
CA ASP A 416 -3.25 5.71 8.82
C ASP A 416 -3.63 4.24 8.94
N LEU A 417 -2.67 3.41 9.33
CA LEU A 417 -2.90 1.98 9.37
C LEU A 417 -4.15 1.57 10.18
N PRO A 418 -4.34 2.12 11.38
CA PRO A 418 -5.47 1.70 12.20
C PRO A 418 -6.83 1.87 11.58
N GLY A 419 -7.10 3.03 11.00
CA GLY A 419 -8.39 3.27 10.37
C GLY A 419 -8.63 2.29 9.23
N THR A 420 -7.58 1.98 8.50
CA THR A 420 -7.68 1.10 7.34
C THR A 420 -7.95 -0.33 7.76
N ALA A 421 -7.10 -0.82 8.65
CA ALA A 421 -7.28 -2.13 9.28
C ALA A 421 -8.66 -2.24 9.91
N ASP A 422 -9.04 -1.22 10.67
CA ASP A 422 -10.34 -1.22 11.32
C ASP A 422 -11.45 -1.50 10.34
N HIS A 423 -11.50 -0.76 9.24
CA HIS A 423 -12.56 -1.03 8.26
C HIS A 423 -12.54 -2.47 7.77
N TYR A 424 -11.34 -2.99 7.53
CA TYR A 424 -11.21 -4.37 7.06
C TYR A 424 -11.73 -5.38 8.10
N TYR A 425 -11.39 -5.20 9.37
CA TYR A 425 -11.91 -6.09 10.40
C TYR A 425 -13.43 -5.99 10.54
N LEU A 426 -14.01 -4.89 10.07
CA LEU A 426 -15.43 -4.64 10.25
C LEU A 426 -16.30 -5.10 9.08
N ILE A 427 -15.68 -5.44 7.94
CA ILE A 427 -16.46 -5.86 6.78
C ILE A 427 -17.22 -7.16 7.00
N PRO A 428 -16.55 -8.22 7.49
CA PRO A 428 -15.12 -8.44 7.78
C PRO A 428 -14.35 -9.02 6.61
N ASP A 429 -13.07 -8.67 6.53
CA ASP A 429 -12.16 -9.15 5.49
C ASP A 429 -10.80 -9.16 6.13
N ILE A 430 -10.49 -10.26 6.81
CA ILE A 430 -9.27 -10.35 7.60
C ILE A 430 -8.02 -10.41 6.71
N GLN A 431 -8.08 -11.14 5.60
CA GLN A 431 -6.94 -11.18 4.69
C GLN A 431 -6.49 -9.75 4.40
N LYS A 432 -7.42 -8.90 4.00
CA LYS A 432 -7.08 -7.52 3.59
C LYS A 432 -6.56 -6.68 4.75
N ALA A 433 -6.99 -7.00 5.98
CA ALA A 433 -6.47 -6.36 7.17
C ALA A 433 -5.01 -6.76 7.39
N ILE A 434 -4.73 -8.06 7.30
CA ILE A 434 -3.36 -8.54 7.46
C ILE A 434 -2.45 -7.93 6.39
N ILE A 435 -2.91 -7.95 5.13
CA ILE A 435 -2.12 -7.39 4.06
C ILE A 435 -1.84 -5.90 4.36
N ALA A 436 -2.87 -5.18 4.79
CA ALA A 436 -2.70 -3.78 5.16
C ALA A 436 -1.53 -3.63 6.13
N VAL A 437 -1.52 -4.44 7.18
CA VAL A 437 -0.49 -4.32 8.20
C VAL A 437 0.88 -4.63 7.62
N PHE A 438 0.98 -5.72 6.86
CA PHE A 438 2.29 -6.12 6.35
C PHE A 438 2.85 -5.17 5.28
N ASP A 439 1.98 -4.48 4.54
CA ASP A 439 2.44 -3.39 3.66
C ASP A 439 3.22 -2.39 4.50
N VAL A 440 2.74 -2.10 5.71
CA VAL A 440 3.39 -1.11 6.57
C VAL A 440 4.70 -1.66 7.14
N LEU A 441 4.72 -2.95 7.45
CA LEU A 441 5.96 -3.59 7.93
C LEU A 441 7.05 -3.59 6.85
N ARG A 442 6.66 -3.88 5.61
CA ARG A 442 7.61 -3.86 4.50
C ARG A 442 8.15 -2.45 4.35
N ALA A 443 7.27 -1.46 4.41
CA ALA A 443 7.68 -0.05 4.42
C ALA A 443 8.76 0.23 5.50
N ILE A 444 8.52 -0.23 6.72
CA ILE A 444 9.45 0.06 7.82
C ILE A 444 10.81 -0.58 7.54
N ASN A 445 10.82 -1.80 7.01
CA ASN A 445 12.06 -2.50 6.70
C ASN A 445 12.89 -1.75 5.67
N ALA A 446 12.23 -1.32 4.60
CA ALA A 446 12.88 -0.46 3.60
C ALA A 446 13.48 0.81 4.23
N TYR A 447 12.73 1.44 5.13
CA TYR A 447 13.23 2.61 5.83
C TYR A 447 14.49 2.25 6.62
N VAL A 448 14.45 1.13 7.34
CA VAL A 448 15.59 0.68 8.15
C VAL A 448 16.82 0.36 7.29
N THR A 449 16.61 -0.29 6.16
CA THR A 449 17.69 -0.62 5.23
C THR A 449 18.30 0.65 4.65
N ASP A 450 17.45 1.63 4.37
CA ASP A 450 17.87 2.95 3.87
C ASP A 450 18.71 3.69 4.88
N MET A 451 18.27 3.67 6.14
CA MET A 451 18.91 4.46 7.19
C MET A 451 20.12 3.79 7.82
N ALA A 452 20.31 2.50 7.60
CA ALA A 452 21.48 1.76 8.10
C ALA A 452 21.84 2.13 9.54
N PRO A 453 20.91 1.93 10.49
CA PRO A 453 21.13 2.39 11.85
C PRO A 453 22.37 1.80 12.53
N TRP A 454 22.72 0.56 12.18
CA TRP A 454 23.96 -0.03 12.66
C TRP A 454 25.17 0.87 12.41
N LYS A 455 25.23 1.47 11.23
CA LYS A 455 26.28 2.46 10.92
C LYS A 455 26.09 3.78 11.70
N LEU A 456 24.84 4.17 11.97
CA LEU A 456 24.57 5.45 12.63
C LEU A 456 25.04 5.47 14.08
N VAL A 457 25.20 4.29 14.70
CA VAL A 457 25.62 4.16 16.10
C VAL A 457 26.95 4.84 16.37
N LYS A 458 27.89 4.67 15.43
CA LYS A 458 29.18 5.36 15.46
C LYS A 458 29.05 6.78 14.88
N THR A 459 28.38 6.87 13.74
CA THR A 459 28.38 8.08 12.90
C THR A 459 27.50 9.25 13.36
N ASP A 460 26.23 8.97 13.66
CA ASP A 460 25.28 10.01 14.03
C ASP A 460 24.31 9.46 15.08
N PRO A 461 24.67 9.57 16.36
CA PRO A 461 23.80 9.07 17.43
C PRO A 461 22.44 9.78 17.53
N GLU A 462 22.40 11.08 17.22
CA GLU A 462 21.14 11.85 17.28
C GLU A 462 20.17 11.33 16.22
N ARG A 463 20.67 11.14 15.01
CA ARG A 463 19.87 10.59 13.93
C ARG A 463 19.35 9.20 14.27
N LEU A 464 20.20 8.38 14.89
CA LEU A 464 19.80 7.08 15.38
C LEU A 464 18.58 7.17 16.27
N ARG A 465 18.55 8.13 17.20
CA ARG A 465 17.41 8.26 18.12
C ARG A 465 16.08 8.34 17.36
N THR A 466 16.06 9.09 16.26
CA THR A 466 14.86 9.25 15.45
C THR A 466 14.48 7.96 14.72
N VAL A 467 15.43 7.43 13.95
CA VAL A 467 15.18 6.23 13.15
C VAL A 467 14.70 5.10 14.05
N LEU A 468 15.37 4.97 15.19
CA LEU A 468 15.05 3.92 16.15
C LEU A 468 13.68 4.10 16.79
N TYR A 469 13.30 5.34 17.07
CA TYR A 469 11.99 5.59 17.66
C TYR A 469 10.87 5.27 16.70
N ILE A 470 11.00 5.68 15.44
CA ILE A 470 9.95 5.41 14.46
C ILE A 470 9.80 3.89 14.29
N THR A 471 10.92 3.19 14.16
CA THR A 471 10.90 1.74 13.99
C THR A 471 10.13 1.05 15.12
N LEU A 472 10.43 1.42 16.35
CA LEU A 472 9.80 0.82 17.52
C LEU A 472 8.29 1.07 17.49
N GLU A 473 7.90 2.28 17.16
CA GLU A 473 6.50 2.63 17.18
C GLU A 473 5.78 1.98 16.01
N GLY A 474 6.49 1.85 14.89
CA GLY A 474 5.91 1.17 13.74
C GLY A 474 5.63 -0.27 14.10
N VAL A 475 6.62 -0.91 14.70
CA VAL A 475 6.50 -2.31 15.14
C VAL A 475 5.41 -2.46 16.18
N ARG A 476 5.33 -1.51 17.12
CA ARG A 476 4.30 -1.53 18.14
C ARG A 476 2.90 -1.47 17.55
N VAL A 477 2.63 -0.48 16.70
CA VAL A 477 1.28 -0.31 16.19
C VAL A 477 0.90 -1.53 15.35
N THR A 478 1.78 -1.93 14.44
CA THR A 478 1.49 -3.04 13.56
C THR A 478 1.21 -4.29 14.39
N THR A 479 1.97 -4.49 15.46
CA THR A 479 1.82 -5.67 16.31
C THR A 479 0.49 -5.66 17.02
N LEU A 480 0.08 -4.48 17.46
CA LEU A 480 -1.21 -4.33 18.11
C LEU A 480 -2.30 -4.73 17.15
N LEU A 481 -2.23 -4.22 15.93
CA LEU A 481 -3.24 -4.54 14.93
C LEU A 481 -3.17 -6.01 14.51
N LEU A 482 -1.99 -6.63 14.60
CA LEU A 482 -1.85 -8.06 14.33
C LEU A 482 -2.21 -8.94 15.52
N SER A 483 -2.50 -8.35 16.68
CA SER A 483 -2.60 -9.15 17.89
C SER A 483 -3.76 -10.14 17.84
N PRO A 484 -4.87 -9.80 17.15
CA PRO A 484 -5.93 -10.81 17.00
C PRO A 484 -5.54 -11.99 16.11
N ILE A 485 -4.51 -11.82 15.29
CA ILE A 485 -4.00 -12.85 14.41
C ILE A 485 -2.86 -13.65 15.07
N LEU A 486 -2.01 -13.00 15.86
CA LEU A 486 -0.86 -13.64 16.49
C LEU A 486 -0.89 -13.39 18.00
N PRO A 487 -1.88 -13.95 18.69
CA PRO A 487 -2.12 -13.63 20.09
C PRO A 487 -0.97 -13.94 21.06
N ARG A 488 -0.27 -15.05 20.84
CA ARG A 488 0.81 -15.40 21.75
C ARG A 488 2.06 -14.64 21.39
N LYS A 489 2.31 -14.54 20.09
CA LYS A 489 3.52 -13.89 19.61
C LYS A 489 3.52 -12.39 19.81
N SER A 490 2.33 -11.78 19.76
CA SER A 490 2.22 -10.34 20.00
C SER A 490 2.62 -10.02 21.44
N VAL A 491 2.29 -10.93 22.35
CA VAL A 491 2.68 -10.74 23.75
C VAL A 491 4.19 -10.83 23.93
N VAL A 492 4.86 -11.71 23.16
CA VAL A 492 6.31 -11.80 23.22
C VAL A 492 6.90 -10.54 22.63
N ILE A 493 6.33 -10.06 21.53
CA ILE A 493 6.81 -8.83 20.92
C ILE A 493 6.70 -7.66 21.90
N PHE A 494 5.53 -7.49 22.51
CA PHE A 494 5.34 -6.37 23.42
C PHE A 494 6.28 -6.47 24.61
N ASP A 495 6.55 -7.69 25.09
CA ASP A 495 7.49 -7.89 26.19
C ASP A 495 8.89 -7.42 25.83
N MET A 496 9.32 -7.74 24.61
CA MET A 496 10.62 -7.32 24.13
C MET A 496 10.71 -5.81 24.06
N LEU A 497 9.68 -5.20 23.45
CA LEU A 497 9.56 -3.74 23.39
C LEU A 497 9.36 -3.12 24.77
N GLY A 498 8.84 -3.88 25.71
CA GLY A 498 8.61 -3.36 27.05
C GLY A 498 7.40 -2.47 27.12
N VAL A 499 6.43 -2.70 26.23
CA VAL A 499 5.19 -1.94 26.22
C VAL A 499 4.37 -2.27 27.48
N PRO A 500 4.05 -1.26 28.30
CA PRO A 500 3.25 -1.57 29.48
C PRO A 500 1.90 -2.18 29.11
N GLU A 501 1.36 -3.04 29.97
CA GLU A 501 0.08 -3.74 29.70
C GLU A 501 -1.02 -2.79 29.25
N VAL A 502 -1.29 -1.74 30.03
CA VAL A 502 -2.33 -0.76 29.69
C VAL A 502 -2.31 -0.28 28.22
N HIS A 503 -1.15 -0.29 27.59
CA HIS A 503 -0.98 0.22 26.21
C HIS A 503 -1.16 -0.83 25.16
N ARG A 504 -1.53 -2.05 25.59
CA ARG A 504 -1.66 -3.17 24.65
C ARG A 504 -3.09 -3.38 24.13
N LYS A 505 -4.04 -2.56 24.58
CA LYS A 505 -5.39 -2.56 24.01
C LYS A 505 -5.95 -1.17 24.14
N GLY A 506 -7.13 -0.95 23.59
CA GLY A 506 -7.80 0.35 23.69
C GLY A 506 -7.59 1.17 22.43
N ILE A 507 -8.66 1.77 21.90
CA ILE A 507 -8.54 2.64 20.71
C ILE A 507 -7.55 3.78 20.97
N GLU A 508 -7.42 4.18 22.23
CA GLU A 508 -6.42 5.14 22.65
C GLU A 508 -5.07 4.77 22.08
N ASN A 509 -4.68 3.51 22.19
CA ASN A 509 -3.32 3.08 21.88
C ASN A 509 -3.12 2.69 20.41
N PHE A 510 -4.10 3.03 19.57
CA PHE A 510 -3.89 3.05 18.14
C PHE A 510 -3.19 4.33 17.69
N GLU A 511 -3.20 5.37 18.53
CA GLU A 511 -2.54 6.63 18.20
C GLU A 511 -1.03 6.43 18.19
N PHE A 512 -0.37 7.10 17.26
CA PHE A 512 1.08 7.14 17.15
C PHE A 512 1.61 7.92 18.34
N GLY A 513 2.53 7.32 19.08
CA GLY A 513 3.19 7.98 20.22
C GLY A 513 2.60 7.67 21.58
N ALA A 514 1.88 6.57 21.68
CA ALA A 514 1.22 6.18 22.92
C ALA A 514 2.22 5.74 23.98
N VAL A 515 3.27 5.02 23.58
CA VAL A 515 4.34 4.64 24.51
C VAL A 515 5.39 5.72 24.54
N PRO A 516 5.68 6.25 25.73
CA PRO A 516 6.60 7.38 25.83
C PRO A 516 8.08 7.00 25.68
N PRO A 517 8.91 7.96 25.24
CA PRO A 517 10.35 7.74 25.24
C PRO A 517 10.86 7.57 26.65
N GLY A 518 11.94 6.82 26.80
CA GLY A 518 12.47 6.46 28.11
C GLY A 518 11.89 5.18 28.67
N THR A 519 10.89 4.61 28.01
CA THR A 519 10.39 3.28 28.33
C THR A 519 11.48 2.25 28.08
N ARG A 520 11.68 1.36 29.04
CA ARG A 520 12.75 0.35 28.95
C ARG A 520 12.29 -0.88 28.19
N LEU A 521 13.18 -1.43 27.37
CA LEU A 521 12.92 -2.69 26.70
C LEU A 521 12.91 -3.80 27.73
N GLY A 522 12.28 -4.92 27.38
CA GLY A 522 12.25 -6.10 28.22
C GLY A 522 13.56 -6.85 28.08
N PRO A 523 13.85 -7.78 28.99
CA PRO A 523 15.17 -8.39 29.00
C PRO A 523 15.44 -9.33 27.82
N ALA A 524 16.70 -9.38 27.40
CA ALA A 524 17.14 -10.20 26.29
C ALA A 524 17.41 -11.63 26.79
N VAL A 525 16.82 -12.62 26.11
CA VAL A 525 17.04 -14.04 26.44
C VAL A 525 18.16 -14.63 25.58
N GLU A 526 18.92 -15.58 26.13
CA GLU A 526 20.13 -16.12 25.47
C GLU A 526 19.87 -16.78 24.10
N GLY A 527 20.10 -16.02 23.03
CA GLY A 527 20.01 -16.54 21.67
C GLY A 527 18.59 -16.81 21.17
N GLU A 528 17.60 -16.17 21.80
CA GLU A 528 16.20 -16.34 21.42
C GLU A 528 15.92 -15.88 19.97
N VAL A 529 14.84 -16.41 19.40
CA VAL A 529 14.38 -16.02 18.07
C VAL A 529 12.86 -16.04 18.09
N LEU A 530 12.25 -15.02 17.50
CA LEU A 530 10.80 -14.85 17.54
C LEU A 530 10.08 -15.86 16.64
N PHE A 531 10.49 -15.90 15.38
CA PHE A 531 10.10 -16.97 14.45
C PHE A 531 11.38 -17.56 13.88
N SER A 532 11.64 -18.83 14.14
CA SER A 532 12.82 -19.49 13.60
C SER A 532 12.51 -19.90 12.17
N LYS A 533 13.45 -19.63 11.27
CA LYS A 533 13.34 -20.07 9.88
C LYS A 533 13.32 -21.59 9.83
N ARG A 534 12.51 -22.15 8.93
CA ARG A 534 12.43 -23.60 8.76
CA ARG A 534 12.43 -23.60 8.76
C ARG A 534 13.05 -23.98 7.42
N SER A 535 13.83 -25.06 7.42
CA SER A 535 14.54 -25.50 6.22
C SER A 535 13.58 -25.70 5.04
N THR A 536 14.12 -25.53 3.83
CA THR A 536 13.29 -25.50 2.63
C THR A 536 12.98 -26.92 2.11
N GLU A 537 11.88 -27.47 2.62
CA GLU A 537 11.27 -28.72 2.13
C GLU A 537 9.77 -28.69 2.41
N GLY B 1 -4.83 10.98 6.67
CA GLY B 1 -4.43 12.27 7.30
C GLY B 1 -3.98 13.34 6.31
N PRO B 2 -4.02 14.62 6.72
CA PRO B 2 -3.60 15.74 5.87
C PRO B 2 -2.14 15.73 5.46
N GLY B 3 -1.85 16.35 4.33
CA GLY B 3 -0.48 16.51 3.87
C GLY B 3 0.08 17.84 4.31
N SER B 4 1.24 18.21 3.78
CA SER B 4 1.86 19.47 4.19
C SER B 4 1.10 20.61 3.57
N MET B 5 1.19 21.75 4.25
CA MET B 5 0.54 22.99 3.87
C MET B 5 1.21 23.54 2.63
N LYS B 6 0.56 24.46 1.92
CA LYS B 6 1.22 25.16 0.83
C LYS B 6 2.41 25.93 1.40
N VAL B 7 3.50 26.01 0.65
CA VAL B 7 4.63 26.87 1.01
C VAL B 7 4.18 28.32 0.75
N GLU B 8 4.73 29.24 1.56
CA GLU B 8 4.52 30.68 1.39
C GLU B 8 5.27 31.28 0.21
N LYS B 9 6.49 30.82 -0.03
CA LYS B 9 7.37 31.38 -1.03
C LYS B 9 6.99 30.89 -2.40
N VAL B 10 7.78 31.19 -3.41
CA VAL B 10 7.57 30.57 -4.70
C VAL B 10 8.43 29.34 -4.76
N PHE B 11 7.80 28.19 -5.02
CA PHE B 11 8.51 26.94 -4.96
C PHE B 11 9.49 26.87 -6.13
N PHE B 12 10.76 26.69 -5.79
CA PHE B 12 11.85 26.87 -6.73
C PHE B 12 12.60 25.57 -6.91
N VAL B 13 12.37 24.93 -8.07
CA VAL B 13 12.97 23.65 -8.42
C VAL B 13 13.85 23.84 -9.65
N THR B 14 15.02 23.22 -9.64
CA THR B 14 16.01 23.40 -10.71
C THR B 14 16.44 22.08 -11.34
N SER B 15 16.89 22.15 -12.58
CA SER B 15 17.68 21.06 -13.14
C SER B 15 19.09 21.60 -13.27
N PRO B 16 20.05 20.73 -13.56
CA PRO B 16 21.39 21.23 -13.81
C PRO B 16 21.38 21.93 -15.13
N ILE B 17 22.37 22.78 -15.35
CA ILE B 17 22.59 23.32 -16.67
C ILE B 17 23.57 22.41 -17.39
N TYR B 18 23.28 22.13 -18.66
CA TYR B 18 23.90 21.04 -19.41
C TYR B 18 24.96 21.54 -20.37
N TYR B 19 26.06 20.80 -20.49
CA TYR B 19 27.22 21.25 -21.26
C TYR B 19 26.98 21.12 -22.76
N VAL B 20 27.22 22.19 -23.50
CA VAL B 20 26.89 22.22 -24.93
C VAL B 20 27.90 21.56 -25.88
N ASN B 21 28.84 20.75 -25.37
CA ASN B 21 29.73 19.97 -26.24
C ASN B 21 29.17 18.60 -26.60
N ALA B 22 27.92 18.34 -26.20
CA ALA B 22 27.16 17.17 -26.65
C ALA B 22 25.73 17.59 -26.95
N ALA B 23 25.11 16.88 -27.88
CA ALA B 23 23.71 17.10 -28.20
C ALA B 23 22.85 16.59 -27.04
N PRO B 24 21.63 17.11 -26.88
CA PRO B 24 20.77 16.60 -25.82
C PRO B 24 20.55 15.08 -25.90
N HIS B 25 20.69 14.40 -24.77
CA HIS B 25 20.49 12.94 -24.67
C HIS B 25 19.65 12.57 -23.45
N ILE B 26 19.37 11.28 -23.28
CA ILE B 26 18.48 10.79 -22.23
C ILE B 26 18.86 11.28 -20.84
N GLY B 27 20.15 11.42 -20.58
CA GLY B 27 20.62 11.97 -19.31
C GLY B 27 19.95 13.29 -18.99
N HIS B 28 20.08 14.25 -19.91
CA HIS B 28 19.53 15.59 -19.72
C HIS B 28 18.03 15.56 -19.64
N VAL B 29 17.41 14.72 -20.48
CA VAL B 29 15.97 14.60 -20.54
C VAL B 29 15.41 14.07 -19.21
N TYR B 30 16.10 13.08 -18.66
CA TYR B 30 15.70 12.49 -17.39
C TYR B 30 15.72 13.54 -16.26
N SER B 31 16.81 14.27 -16.13
CA SER B 31 16.92 15.29 -15.10
C SER B 31 15.82 16.32 -15.21
N THR B 32 15.61 16.82 -16.42
CA THR B 32 14.61 17.85 -16.65
C THR B 32 13.17 17.34 -16.39
N LEU B 33 12.92 16.07 -16.73
CA LEU B 33 11.65 15.42 -16.41
C LEU B 33 11.36 15.44 -14.91
N ILE B 34 12.37 15.07 -14.11
CA ILE B 34 12.18 15.03 -12.67
C ILE B 34 11.87 16.45 -12.21
N THR B 35 12.60 17.43 -12.75
CA THR B 35 12.41 18.85 -12.43
C THR B 35 10.98 19.26 -12.82
N ASP B 36 10.53 18.81 -13.98
CA ASP B 36 9.22 19.23 -14.49
C ASP B 36 8.09 18.68 -13.60
N VAL B 37 8.22 17.42 -13.23
CA VAL B 37 7.21 16.75 -12.42
C VAL B 37 7.05 17.46 -11.07
N ILE B 38 8.16 17.69 -10.40
CA ILE B 38 8.12 18.36 -9.12
C ILE B 38 7.44 19.70 -9.29
N GLY B 39 7.86 20.45 -10.29
CA GLY B 39 7.23 21.74 -10.56
C GLY B 39 5.73 21.61 -10.78
N ARG B 40 5.35 20.61 -11.57
CA ARG B 40 3.95 20.38 -11.90
C ARG B 40 3.12 20.04 -10.66
N TYR B 41 3.66 19.21 -9.77
CA TYR B 41 2.93 18.78 -8.59
C TYR B 41 2.57 19.98 -7.73
N HIS B 42 3.56 20.86 -7.56
CA HIS B 42 3.39 22.02 -6.72
C HIS B 42 2.47 23.06 -7.34
N ARG B 43 2.40 23.09 -8.67
CA ARG B 43 1.42 23.94 -9.34
C ARG B 43 0.01 23.40 -9.09
N VAL B 44 -0.14 22.09 -9.19
CA VAL B 44 -1.44 21.45 -8.89
C VAL B 44 -1.83 21.60 -7.40
N LYS B 45 -0.86 21.52 -6.51
CA LYS B 45 -1.13 21.75 -5.11
C LYS B 45 -1.69 23.15 -4.90
N GLY B 46 -1.33 24.05 -5.81
CA GLY B 46 -1.84 25.42 -5.82
C GLY B 46 -0.86 26.43 -5.29
N GLU B 47 0.43 26.12 -5.45
CA GLU B 47 1.50 27.01 -5.04
C GLU B 47 2.01 27.77 -6.26
N ARG B 48 2.72 28.85 -5.99
CA ARG B 48 3.46 29.52 -7.03
C ARG B 48 4.74 28.72 -7.26
N VAL B 49 5.10 28.55 -8.53
CA VAL B 49 6.24 27.73 -8.88
C VAL B 49 7.13 28.43 -9.94
N PHE B 50 8.45 28.25 -9.77
CA PHE B 50 9.45 28.65 -10.76
C PHE B 50 10.41 27.48 -11.02
N ALA B 51 10.28 26.87 -12.18
CA ALA B 51 11.11 25.73 -12.57
C ALA B 51 12.16 26.19 -13.58
N LEU B 52 13.42 25.87 -13.31
CA LEU B 52 14.56 26.40 -14.06
C LEU B 52 15.39 25.27 -14.63
N THR B 53 15.81 25.46 -15.88
CA THR B 53 16.74 24.58 -16.59
C THR B 53 17.63 25.45 -17.47
N GLY B 54 18.64 24.88 -18.12
CA GLY B 54 19.54 25.71 -18.94
C GLY B 54 20.81 25.06 -19.43
N THR B 55 21.67 25.87 -20.05
CA THR B 55 22.86 25.39 -20.71
C THR B 55 24.15 26.03 -20.18
N ASP B 56 25.17 25.21 -20.01
CA ASP B 56 26.49 25.60 -19.50
C ASP B 56 27.38 25.80 -20.73
N GLU B 57 27.82 27.02 -20.98
CA GLU B 57 28.30 27.37 -22.32
C GLU B 57 29.78 27.74 -22.50
N HIS B 58 30.53 27.96 -21.41
CA HIS B 58 31.92 28.43 -21.51
C HIS B 58 32.93 27.31 -21.44
N GLY B 59 34.20 27.64 -21.69
CA GLY B 59 35.31 26.73 -21.43
C GLY B 59 36.01 26.20 -22.67
N GLN B 60 37.21 25.65 -22.47
CA GLN B 60 38.10 25.30 -23.57
C GLN B 60 37.48 24.31 -24.55
N LYS B 61 36.66 23.39 -24.04
CA LYS B 61 36.09 22.35 -24.88
C LYS B 61 34.97 22.85 -25.79
N VAL B 62 34.19 23.84 -25.33
CA VAL B 62 33.16 24.42 -26.18
C VAL B 62 33.86 25.17 -27.32
N ALA B 63 34.84 25.99 -26.98
CA ALA B 63 35.65 26.71 -27.96
C ALA B 63 36.24 25.75 -29.00
N GLU B 64 36.83 24.65 -28.53
CA GLU B 64 37.44 23.64 -29.42
C GLU B 64 36.43 22.99 -30.36
N ALA B 65 35.23 22.70 -29.83
CA ALA B 65 34.14 22.10 -30.60
C ALA B 65 33.68 23.05 -31.70
N ALA B 66 33.59 24.34 -31.33
CA ALA B 66 33.24 25.39 -32.28
C ALA B 66 34.26 25.53 -33.41
N LYS B 67 35.54 25.42 -33.06
CA LYS B 67 36.63 25.49 -34.05
C LYS B 67 36.52 24.33 -35.05
N GLN B 68 36.22 23.12 -34.58
CA GLN B 68 36.12 21.95 -35.47
C GLN B 68 34.96 22.10 -36.46
N LYS B 69 33.81 22.60 -35.99
CA LYS B 69 32.68 22.90 -36.88
C LYS B 69 32.95 24.17 -37.72
N GLN B 70 34.01 24.88 -37.40
CA GLN B 70 34.43 26.08 -38.13
C GLN B 70 33.34 27.15 -38.09
N VAL B 71 32.89 27.42 -36.88
CA VAL B 71 31.92 28.47 -36.58
C VAL B 71 32.43 29.20 -35.36
N SER B 72 31.91 30.40 -35.09
CA SER B 72 32.34 31.13 -33.91
C SER B 72 31.79 30.39 -32.71
N PRO B 73 32.41 30.56 -31.54
CA PRO B 73 31.85 29.91 -30.36
C PRO B 73 30.52 30.54 -29.94
N TYR B 74 30.28 31.79 -30.33
CA TYR B 74 29.01 32.48 -30.06
C TYR B 74 27.89 31.79 -30.82
N ASP B 75 28.12 31.58 -32.12
CA ASP B 75 27.13 30.91 -32.99
C ASP B 75 26.90 29.44 -32.61
N PHE B 76 27.98 28.74 -32.27
CA PHE B 76 27.94 27.33 -31.88
C PHE B 76 27.05 27.14 -30.66
N THR B 77 27.24 27.98 -29.64
CA THR B 77 26.49 27.86 -28.40
C THR B 77 25.03 28.25 -28.59
N THR B 78 24.77 29.26 -29.40
CA THR B 78 23.39 29.65 -29.67
C THR B 78 22.67 28.49 -30.33
N ALA B 79 23.35 27.86 -31.28
CA ALA B 79 22.83 26.68 -31.98
C ALA B 79 22.48 25.55 -31.01
N VAL B 80 23.44 25.12 -30.21
CA VAL B 80 23.21 24.00 -29.33
C VAL B 80 22.14 24.37 -28.29
N ALA B 81 22.26 25.54 -27.70
CA ALA B 81 21.20 26.02 -26.81
C ALA B 81 19.81 25.88 -27.49
N GLY B 82 19.73 26.19 -28.77
CA GLY B 82 18.51 25.98 -29.53
C GLY B 82 18.07 24.53 -29.56
N GLU B 83 19.01 23.60 -29.72
CA GLU B 83 18.71 22.16 -29.75
C GLU B 83 18.10 21.70 -28.43
N PHE B 84 18.64 22.18 -27.32
CA PHE B 84 18.11 21.81 -26.00
C PHE B 84 16.73 22.42 -25.80
N LYS B 85 16.54 23.68 -26.18
CA LYS B 85 15.23 24.31 -26.05
C LYS B 85 14.20 23.50 -26.83
N LYS B 86 14.55 23.09 -28.04
CA LYS B 86 13.66 22.30 -28.86
C LYS B 86 13.36 20.93 -28.22
N PHE B 88 13.22 20.05 -25.21
CA PHE B 88 12.32 20.18 -24.07
C PHE B 88 10.92 20.60 -24.47
N GLU B 89 10.78 21.25 -25.61
CA GLU B 89 9.46 21.48 -26.18
C GLU B 89 8.86 20.18 -26.70
N GLN B 90 9.64 19.40 -27.45
CA GLN B 90 9.15 18.13 -27.99
C GLN B 90 8.72 17.20 -26.87
N MET B 91 9.50 17.15 -25.80
CA MET B 91 9.17 16.36 -24.63
C MET B 91 7.96 16.86 -23.85
N ASP B 92 7.47 18.06 -24.17
CA ASP B 92 6.25 18.63 -23.60
C ASP B 92 6.39 18.98 -22.11
N TYR B 93 7.54 19.52 -21.73
CA TYR B 93 7.78 19.97 -20.37
C TYR B 93 7.16 21.33 -20.15
N SER B 94 7.21 21.82 -18.92
CA SER B 94 6.67 23.11 -18.59
C SER B 94 7.59 23.83 -17.60
N ILE B 95 8.86 23.95 -17.99
CA ILE B 95 9.87 24.67 -17.24
C ILE B 95 9.66 26.14 -17.50
N ASP B 96 9.80 26.96 -16.47
CA ASP B 96 9.44 28.37 -16.55
C ASP B 96 10.50 29.25 -17.20
N TYR B 97 11.78 28.93 -17.00
CA TYR B 97 12.84 29.71 -17.61
C TYR B 97 14.02 28.86 -18.07
N PHE B 98 14.65 29.29 -19.16
CA PHE B 98 15.80 28.61 -19.74
C PHE B 98 17.03 29.55 -19.68
N ILE B 99 17.97 29.24 -18.80
CA ILE B 99 19.11 30.13 -18.54
C ILE B 99 20.32 29.70 -19.36
N ARG B 100 21.04 30.67 -19.92
CA ARG B 100 22.26 30.40 -20.64
C ARG B 100 23.38 31.15 -19.95
N THR B 101 24.52 30.48 -19.72
CA THR B 101 25.63 31.12 -19.00
C THR B 101 26.31 32.22 -19.82
N THR B 102 26.05 32.26 -21.12
CA THR B 102 26.46 33.40 -21.95
C THR B 102 25.63 34.66 -21.66
N ASN B 103 24.51 34.52 -20.94
CA ASN B 103 23.65 35.66 -20.68
C ASN B 103 24.39 36.70 -19.83
N GLU B 104 24.18 37.98 -20.13
CA GLU B 104 24.94 39.04 -19.46
C GLU B 104 24.52 39.21 -18.01
N GLN B 105 23.25 38.94 -17.71
CA GLN B 105 22.77 39.04 -16.34
C GLN B 105 23.43 37.97 -15.48
N HIS B 106 23.59 36.77 -16.04
CA HIS B 106 24.33 35.73 -15.34
C HIS B 106 25.73 36.17 -15.04
N LYS B 107 26.41 36.69 -16.05
CA LYS B 107 27.76 37.17 -15.85
C LYS B 107 27.79 38.20 -14.70
N ALA B 108 26.78 39.07 -14.66
CA ALA B 108 26.67 40.11 -13.61
C ALA B 108 26.71 39.47 -12.22
N VAL B 109 25.92 38.41 -12.08
CA VAL B 109 25.76 37.74 -10.82
C VAL B 109 27.04 36.98 -10.49
N VAL B 110 27.66 36.34 -11.47
CA VAL B 110 28.94 35.65 -11.22
C VAL B 110 30.00 36.60 -10.68
N LYS B 111 30.15 37.76 -11.32
CA LYS B 111 31.05 38.82 -10.82
C LYS B 111 30.69 39.20 -9.40
N GLU B 112 29.39 39.41 -9.18
CA GLU B 112 28.85 39.82 -7.89
C GLU B 112 29.23 38.81 -6.79
N LEU B 113 29.03 37.52 -7.07
CA LEU B 113 29.37 36.46 -6.13
C LEU B 113 30.89 36.32 -5.98
N TRP B 114 31.59 36.37 -7.12
CA TRP B 114 33.03 36.32 -7.08
C TRP B 114 33.54 37.38 -6.15
N THR B 115 33.16 38.63 -6.40
CA THR B 115 33.68 39.78 -5.65
C THR B 115 33.39 39.66 -4.16
N LYS B 116 32.22 39.12 -3.84
CA LYS B 116 31.83 38.96 -2.45
C LYS B 116 32.76 37.96 -1.76
N LEU B 117 33.04 36.84 -2.41
CA LEU B 117 33.95 35.83 -1.85
C LEU B 117 35.38 36.35 -1.70
N GLU B 118 35.84 37.16 -2.66
CA GLU B 118 37.18 37.74 -2.66
CA GLU B 118 37.20 37.69 -2.60
C GLU B 118 37.30 38.72 -1.49
N GLN B 119 36.23 39.50 -1.28
CA GLN B 119 36.19 40.49 -0.20
C GLN B 119 36.15 39.88 1.20
N LYS B 120 35.51 38.72 1.33
CA LYS B 120 35.49 37.97 2.60
C LYS B 120 36.85 37.33 2.91
N GLY B 121 37.74 37.28 1.92
CA GLY B 121 39.03 36.61 2.03
C GLY B 121 38.98 35.11 1.76
N ASP B 122 37.86 34.64 1.23
CA ASP B 122 37.70 33.20 0.95
C ASP B 122 38.19 32.85 -0.46
N ILE B 123 38.52 33.87 -1.25
CA ILE B 123 39.29 33.69 -2.49
C ILE B 123 40.59 34.51 -2.43
N TYR B 124 41.71 33.87 -2.71
CA TYR B 124 43.01 34.56 -2.76
C TYR B 124 43.78 34.24 -4.03
N LEU B 125 44.75 35.09 -4.35
CA LEU B 125 45.60 34.92 -5.51
C LEU B 125 47.00 34.48 -5.10
N GLY B 126 47.51 33.41 -5.71
CA GLY B 126 48.86 32.93 -5.43
C GLY B 126 49.47 32.23 -6.62
N ARG B 127 50.80 32.14 -6.64
CA ARG B 127 51.52 31.49 -7.74
C ARG B 127 51.55 29.98 -7.51
N TYR B 128 51.12 29.22 -8.51
CA TYR B 128 51.14 27.77 -8.44
C TYR B 128 52.29 27.24 -9.26
N GLU B 129 53.05 26.30 -8.70
CA GLU B 129 54.15 25.67 -9.44
C GLU B 129 54.11 24.16 -9.28
N GLY B 130 53.76 23.47 -10.36
CA GLY B 130 53.53 22.04 -10.32
C GLY B 130 52.98 21.54 -11.64
N TRP B 131 52.38 20.37 -11.61
CA TRP B 131 51.89 19.73 -12.82
C TRP B 131 50.47 20.11 -13.11
N TYR B 132 50.16 20.26 -14.39
CA TYR B 132 48.79 20.48 -14.88
C TYR B 132 48.54 19.62 -16.11
N SER B 133 47.36 19.00 -16.16
CA SER B 133 46.86 18.25 -17.31
C SER B 133 45.89 19.13 -18.10
N ILE B 134 46.35 19.66 -19.23
CA ILE B 134 45.55 20.59 -20.03
C ILE B 134 44.24 19.90 -20.43
N SER B 135 44.39 18.64 -20.82
CA SER B 135 43.31 17.83 -21.34
C SER B 135 42.22 17.56 -20.29
N ASP B 136 42.63 17.07 -19.11
CA ASP B 136 41.71 16.84 -17.98
C ASP B 136 41.32 18.14 -17.25
N GLU B 137 42.01 19.25 -17.57
CA GLU B 137 41.78 20.54 -16.93
C GLU B 137 42.00 20.47 -15.43
N SER B 138 43.03 19.73 -14.99
CA SER B 138 43.27 19.47 -13.58
C SER B 138 44.69 19.79 -13.16
N PHE B 139 44.83 20.34 -11.96
CA PHE B 139 46.13 20.41 -11.31
C PHE B 139 46.38 19.07 -10.65
N LEU B 140 47.59 18.54 -10.80
CA LEU B 140 47.96 17.23 -10.28
C LEU B 140 49.19 17.34 -9.37
N THR B 141 49.20 16.57 -8.29
CA THR B 141 50.33 16.52 -7.37
C THR B 141 51.39 15.52 -7.90
N PRO B 142 52.65 15.64 -7.41
CA PRO B 142 53.74 14.78 -7.90
C PRO B 142 53.47 13.27 -7.80
N GLN B 143 52.76 12.83 -6.77
CA GLN B 143 52.44 11.41 -6.61
C GLN B 143 51.41 10.92 -7.63
N ASN B 144 50.50 11.81 -8.05
CA ASN B 144 49.43 11.43 -8.99
C ASN B 144 49.86 11.40 -10.46
N ILE B 145 51.16 11.49 -10.74
CA ILE B 145 51.71 11.36 -12.10
C ILE B 145 52.70 10.17 -12.19
N THR B 146 52.96 9.70 -13.40
CA THR B 146 54.04 8.71 -13.62
C THR B 146 54.52 8.70 -15.08
N ASP B 147 55.56 7.91 -15.36
CA ASP B 147 56.19 7.88 -16.67
C ASP B 147 55.27 7.33 -17.75
N GLY B 148 55.38 7.90 -18.95
CA GLY B 148 54.58 7.47 -20.11
C GLY B 148 55.08 8.09 -21.39
N VAL B 149 54.26 8.05 -22.43
CA VAL B 149 54.65 8.51 -23.76
C VAL B 149 53.56 9.41 -24.37
N ASP B 150 53.97 10.54 -24.95
CA ASP B 150 53.04 11.49 -25.58
C ASP B 150 52.60 11.00 -26.96
N LYS B 151 51.82 11.82 -27.66
CA LYS B 151 51.28 11.49 -28.99
C LYS B 151 52.35 11.07 -30.03
N ASP B 152 53.53 11.69 -29.96
CA ASP B 152 54.63 11.47 -30.94
C ASP B 152 55.63 10.36 -30.59
N GLY B 153 55.52 9.76 -29.40
CA GLY B 153 56.38 8.64 -29.00
C GLY B 153 57.50 9.00 -28.04
N ASN B 154 57.56 10.27 -27.63
CA ASN B 154 58.65 10.76 -26.77
C ASN B 154 58.35 10.59 -25.27
N PRO B 155 59.26 9.94 -24.52
CA PRO B 155 59.12 9.80 -23.07
C PRO B 155 58.72 11.09 -22.37
N CYS B 156 57.63 11.01 -21.59
CA CYS B 156 57.09 12.18 -20.90
C CYS B 156 56.42 11.77 -19.59
N LYS B 157 55.83 12.74 -18.90
CA LYS B 157 55.04 12.48 -17.71
C LYS B 157 53.57 12.54 -18.11
N VAL B 158 52.78 11.60 -17.59
CA VAL B 158 51.35 11.56 -17.84
C VAL B 158 50.62 11.46 -16.50
N SER B 159 49.30 11.65 -16.54
CA SER B 159 48.45 11.42 -15.37
C SER B 159 48.46 9.92 -15.01
N LEU B 160 48.28 9.63 -13.73
CA LEU B 160 48.14 8.25 -13.28
C LEU B 160 46.69 7.80 -13.48
N GLU B 161 45.76 8.73 -13.32
CA GLU B 161 44.32 8.45 -13.45
C GLU B 161 43.92 8.32 -14.93
N SER B 162 43.96 9.41 -15.67
CA SER B 162 43.88 9.36 -17.12
C SER B 162 45.30 9.08 -17.63
N GLY B 163 45.47 8.89 -18.93
CA GLY B 163 46.80 8.67 -19.49
C GLY B 163 47.39 9.92 -20.14
N HIS B 164 46.70 11.04 -20.02
CA HIS B 164 47.02 12.24 -20.81
C HIS B 164 48.23 12.94 -20.28
N VAL B 165 48.93 13.61 -21.18
CA VAL B 165 50.21 14.24 -20.83
C VAL B 165 50.05 15.42 -19.88
N VAL B 166 50.88 15.47 -18.85
CA VAL B 166 50.90 16.58 -17.89
C VAL B 166 52.09 17.50 -18.20
N THR B 167 51.89 18.80 -18.01
CA THR B 167 52.94 19.79 -18.21
C THR B 167 53.27 20.45 -16.88
N TRP B 168 54.53 20.83 -16.71
CA TRP B 168 54.93 21.66 -15.58
C TRP B 168 54.59 23.08 -15.89
N VAL B 169 53.85 23.72 -14.99
CA VAL B 169 53.45 25.12 -15.16
C VAL B 169 53.83 25.94 -13.95
N SER B 170 54.01 27.24 -14.18
CA SER B 170 54.24 28.22 -13.14
C SER B 170 53.32 29.38 -13.43
N GLU B 171 52.26 29.54 -12.62
CA GLU B 171 51.15 30.43 -12.97
C GLU B 171 50.43 31.02 -11.79
N GLU B 172 50.01 32.28 -11.93
CA GLU B 172 49.11 32.90 -10.96
C GLU B 172 47.76 32.18 -11.04
N ASN B 173 47.10 32.02 -9.89
CA ASN B 173 45.87 31.26 -9.83
C ASN B 173 45.05 31.61 -8.60
N TYR B 174 43.73 31.63 -8.78
CA TYR B 174 42.80 31.98 -7.71
C TYR B 174 42.27 30.72 -7.05
N MET B 175 42.48 30.59 -5.73
CA MET B 175 41.95 29.46 -4.95
C MET B 175 40.77 29.91 -4.11
N PHE B 176 39.75 29.06 -4.01
CA PHE B 176 38.74 29.19 -2.99
C PHE B 176 39.16 28.32 -1.79
N ARG B 177 39.17 28.90 -0.60
CA ARG B 177 39.68 28.23 0.59
C ARG B 177 38.65 27.27 1.14
N LEU B 178 38.33 26.26 0.34
CA LEU B 178 37.30 25.30 0.69
C LEU B 178 37.60 24.55 2.00
N SER B 179 38.88 24.36 2.32
CA SER B 179 39.26 23.69 3.56
C SER B 179 38.76 24.42 4.80
N ALA B 180 38.59 25.74 4.72
CA ALA B 180 38.09 26.47 5.88
C ALA B 180 36.59 26.23 6.15
N PHE B 181 35.93 25.47 5.28
CA PHE B 181 34.47 25.27 5.35
C PHE B 181 34.07 23.87 5.77
N ARG B 182 35.03 22.99 6.03
CA ARG B 182 34.74 21.64 6.50
C ARG B 182 33.73 21.64 7.65
N GLU B 183 34.06 22.34 8.73
CA GLU B 183 33.23 22.29 9.93
C GLU B 183 31.80 22.85 9.71
N ARG B 184 31.65 23.90 8.90
CA ARG B 184 30.33 24.48 8.65
C ARG B 184 29.48 23.59 7.75
N LEU B 185 30.10 22.94 6.78
CA LEU B 185 29.41 21.98 5.92
C LEU B 185 28.87 20.82 6.74
N LEU B 186 29.70 20.29 7.62
CA LEU B 186 29.30 19.17 8.46
C LEU B 186 28.17 19.57 9.42
N GLU B 187 28.10 20.82 9.86
CA GLU B 187 26.97 21.28 10.70
C GLU B 187 25.69 21.26 9.89
N TRP B 188 25.76 21.79 8.69
CA TRP B 188 24.61 21.82 7.80
C TRP B 188 24.06 20.45 7.53
N TYR B 189 24.94 19.49 7.23
CA TYR B 189 24.48 18.12 6.95
C TYR B 189 23.75 17.53 8.14
N HIS B 190 24.26 17.77 9.34
CA HIS B 190 23.69 17.15 10.52
CA HIS B 190 23.73 17.18 10.58
C HIS B 190 22.46 17.87 11.03
N ALA B 191 22.40 19.18 10.81
CA ALA B 191 21.23 19.98 11.19
C ALA B 191 20.05 19.71 10.25
N ASN B 192 20.32 19.25 9.03
CA ASN B 192 19.26 19.07 8.03
C ASN B 192 19.40 17.71 7.37
N PRO B 193 19.12 16.64 8.12
CA PRO B 193 19.46 15.30 7.64
C PRO B 193 18.60 14.81 6.48
N GLY B 194 17.69 15.65 5.96
CA GLY B 194 16.97 15.36 4.74
C GLY B 194 17.40 16.23 3.56
N CYS B 195 18.50 16.96 3.70
CA CYS B 195 18.90 17.92 2.68
C CYS B 195 19.58 17.29 1.47
N ILE B 196 20.01 16.04 1.57
CA ILE B 196 20.54 15.31 0.42
C ILE B 196 19.81 14.00 0.34
N VAL B 197 19.27 13.67 -0.83
CA VAL B 197 18.49 12.47 -1.03
C VAL B 197 19.02 11.79 -2.29
N PRO B 198 19.02 10.45 -2.34
CA PRO B 198 18.67 9.51 -1.31
C PRO B 198 19.79 9.39 -0.29
N GLU B 199 19.48 8.66 0.77
CA GLU B 199 20.26 8.64 2.00
C GLU B 199 21.71 8.20 1.79
N PHE B 200 21.96 7.10 1.07
CA PHE B 200 23.35 6.61 0.92
C PHE B 200 24.29 7.59 0.16
N ARG B 201 23.71 8.39 -0.73
CA ARG B 201 24.45 9.45 -1.40
C ARG B 201 24.79 10.53 -0.39
N ARG B 202 23.85 10.80 0.52
CA ARG B 202 24.09 11.76 1.58
C ARG B 202 25.24 11.28 2.47
N ARG B 203 25.22 10.01 2.84
CA ARG B 203 26.27 9.44 3.66
C ARG B 203 27.63 9.48 2.96
N GLU B 204 27.66 9.28 1.64
CA GLU B 204 28.89 9.42 0.84
C GLU B 204 29.46 10.84 0.93
N VAL B 205 28.59 11.84 0.86
CA VAL B 205 29.04 13.22 0.94
C VAL B 205 29.63 13.53 2.31
N ILE B 206 28.99 13.05 3.37
CA ILE B 206 29.45 13.29 4.72
C ILE B 206 30.82 12.63 4.96
N ARG B 207 31.00 11.37 4.55
CA ARG B 207 32.29 10.70 4.75
C ARG B 207 33.38 11.51 4.06
N ALA B 208 33.09 12.02 2.86
CA ALA B 208 34.05 12.81 2.08
C ALA B 208 34.51 14.02 2.87
N VAL B 209 33.56 14.82 3.35
CA VAL B 209 33.91 16.03 4.07
C VAL B 209 34.68 15.71 5.36
N GLU B 210 34.29 14.65 6.05
CA GLU B 210 34.98 14.24 7.30
C GLU B 210 36.47 13.99 7.10
N LYS B 211 36.85 13.39 5.96
CA LYS B 211 38.26 13.13 5.65
C LYS B 211 39.14 14.38 5.52
N GLY B 212 38.54 15.52 5.19
CA GLY B 212 39.29 16.75 4.92
C GLY B 212 38.99 17.15 3.49
N LEU B 213 39.08 18.47 3.23
CA LEU B 213 38.77 19.05 1.91
C LEU B 213 39.95 19.90 1.44
N PRO B 214 40.48 19.67 0.22
CA PRO B 214 41.47 20.61 -0.27
C PRO B 214 40.81 21.89 -0.77
N ASP B 215 41.60 22.94 -0.93
CA ASP B 215 41.13 24.21 -1.50
C ASP B 215 40.85 24.03 -2.99
N LEU B 216 40.02 24.90 -3.55
CA LEU B 216 39.48 24.72 -4.88
C LEU B 216 39.97 25.79 -5.84
N SER B 217 40.65 25.39 -6.90
CA SER B 217 41.04 26.34 -7.93
C SER B 217 39.81 26.80 -8.70
N VAL B 218 39.54 28.11 -8.68
CA VAL B 218 38.35 28.68 -9.31
C VAL B 218 38.66 29.56 -10.53
N SER B 219 39.93 29.61 -10.93
CA SER B 219 40.30 30.31 -12.16
C SER B 219 41.19 29.45 -13.06
N ARG B 220 41.26 29.85 -14.33
CA ARG B 220 42.29 29.36 -15.24
C ARG B 220 42.76 30.52 -16.09
N ALA B 221 44.01 30.44 -16.57
CA ALA B 221 44.56 31.43 -17.51
C ALA B 221 43.70 31.50 -18.78
N ARG B 222 43.56 32.70 -19.34
CA ARG B 222 42.72 32.89 -20.53
C ARG B 222 43.17 32.06 -21.77
N ALA B 223 44.49 32.01 -22.00
CA ALA B 223 45.07 31.17 -23.07
C ALA B 223 44.63 29.71 -22.95
N THR B 224 44.51 29.23 -21.71
CA THR B 224 44.12 27.86 -21.43
C THR B 224 42.67 27.61 -21.85
N LEU B 225 41.81 28.60 -21.62
CA LEU B 225 40.38 28.54 -21.96
C LEU B 225 40.04 29.18 -23.32
N HIS B 226 41.02 29.39 -24.19
CA HIS B 226 40.77 29.99 -25.50
C HIS B 226 39.92 31.23 -25.44
N ASN B 227 40.13 32.03 -24.39
CA ASN B 227 39.40 33.27 -24.19
C ASN B 227 37.90 33.12 -24.30
N TRP B 228 37.39 31.99 -23.82
CA TRP B 228 35.98 31.72 -23.92
C TRP B 228 35.42 31.41 -22.56
N ALA B 229 35.30 32.45 -21.75
CA ALA B 229 34.84 32.32 -20.36
C ALA B 229 34.42 33.69 -19.79
N ILE B 230 34.07 33.74 -18.50
CA ILE B 230 33.78 35.01 -17.83
C ILE B 230 35.07 35.54 -17.23
N PRO B 231 35.38 36.83 -17.44
CA PRO B 231 36.62 37.34 -16.88
C PRO B 231 36.57 37.47 -15.36
N VAL B 232 37.68 37.16 -14.70
CA VAL B 232 37.79 37.47 -13.28
C VAL B 232 37.64 38.99 -13.12
N PRO B 233 36.74 39.43 -12.23
CA PRO B 233 36.62 40.86 -11.95
C PRO B 233 37.94 41.46 -11.50
N GLY B 234 38.35 42.55 -12.14
CA GLY B 234 39.59 43.21 -11.81
C GLY B 234 40.84 42.54 -12.34
N ASN B 235 40.69 41.43 -13.06
CA ASN B 235 41.85 40.72 -13.60
C ASN B 235 41.61 40.07 -14.96
N PRO B 236 41.73 40.85 -16.06
CA PRO B 236 41.39 40.35 -17.38
C PRO B 236 42.26 39.18 -17.86
N ASP B 237 43.43 38.96 -17.26
CA ASP B 237 44.30 37.82 -17.64
C ASP B 237 43.80 36.45 -17.21
N HIS B 238 42.82 36.40 -16.30
CA HIS B 238 42.29 35.14 -15.77
C HIS B 238 40.80 35.09 -15.87
N VAL B 240 37.02 32.93 -14.84
CA VAL B 240 36.28 32.14 -13.88
C VAL B 240 36.04 30.76 -14.48
N TYR B 241 36.49 29.74 -13.77
CA TYR B 241 36.39 28.35 -14.22
C TYR B 241 34.98 27.83 -13.88
N VAL B 242 34.73 26.55 -14.18
CA VAL B 242 33.37 26.01 -14.11
C VAL B 242 32.56 26.30 -12.85
N TRP B 243 33.23 26.28 -11.68
CA TRP B 243 32.53 26.12 -10.40
C TRP B 243 31.68 27.31 -10.12
N LEU B 244 32.32 28.48 -10.01
CA LEU B 244 31.61 29.73 -9.74
C LEU B 244 30.86 30.29 -10.94
N ASP B 245 30.91 29.61 -12.08
CA ASP B 245 30.16 30.01 -13.27
C ASP B 245 28.89 29.19 -13.37
N ALA B 246 29.04 27.88 -13.45
CA ALA B 246 27.92 27.00 -13.74
C ALA B 246 26.95 26.96 -12.56
N LEU B 247 27.47 26.78 -11.34
CA LEU B 247 26.62 26.62 -10.15
C LEU B 247 25.86 27.90 -9.85
N THR B 248 26.49 29.04 -10.10
CA THR B 248 25.82 30.32 -9.88
C THR B 248 24.51 30.50 -10.67
N ASN B 249 24.25 29.65 -11.66
CA ASN B 249 23.05 29.85 -12.50
C ASN B 249 21.77 29.85 -11.67
N TYR B 250 21.77 29.03 -10.62
CA TYR B 250 20.64 28.95 -9.71
C TYR B 250 20.40 30.31 -9.03
N LEU B 251 21.47 30.98 -8.67
CA LEU B 251 21.36 32.30 -8.11
C LEU B 251 20.77 33.24 -9.15
N THR B 252 21.40 33.32 -10.32
CA THR B 252 20.92 34.22 -11.37
C THR B 252 19.43 34.02 -11.64
N GLY B 253 19.05 32.76 -11.83
CA GLY B 253 17.68 32.40 -12.17
C GLY B 253 16.68 32.95 -11.19
N SER B 254 17.05 32.89 -9.91
CA SER B 254 16.16 33.27 -8.82
C SER B 254 15.93 34.77 -8.80
N ARG B 255 16.73 35.51 -9.55
CA ARG B 255 16.66 36.96 -9.58
C ARG B 255 16.14 37.56 -10.89
N LEU B 256 15.78 36.72 -11.85
CA LEU B 256 15.32 37.21 -13.17
C LEU B 256 13.82 37.32 -13.25
N ARG B 257 13.32 38.52 -13.54
CA ARG B 257 11.93 38.71 -13.97
C ARG B 257 11.76 38.26 -15.42
N VAL B 258 10.77 37.39 -15.64
CA VAL B 258 10.51 36.80 -16.96
C VAL B 258 9.16 37.21 -17.47
N ASP B 259 9.08 37.60 -18.74
CA ASP B 259 7.82 38.05 -19.35
C ASP B 259 6.91 36.87 -19.77
N GLU B 260 5.77 37.22 -20.37
CA GLU B 260 4.82 36.25 -20.94
C GLU B 260 5.50 35.19 -21.84
N SER B 261 6.52 35.61 -22.60
CA SER B 261 7.10 34.80 -23.66
C SER B 261 8.39 34.05 -23.26
N GLY B 262 8.68 33.98 -21.96
CA GLY B 262 9.85 33.25 -21.45
C GLY B 262 11.19 33.98 -21.51
N LYS B 263 11.17 35.26 -21.89
CA LYS B 263 12.36 36.09 -22.05
C LYS B 263 12.69 36.90 -20.78
N GLU B 264 13.96 36.85 -20.38
CA GLU B 264 14.48 37.64 -19.25
C GLU B 264 14.32 39.13 -19.51
N VAL B 265 13.76 39.85 -18.55
CA VAL B 265 13.41 41.26 -18.76
C VAL B 265 14.05 42.20 -17.72
N SER B 266 14.63 41.65 -16.66
CA SER B 266 15.20 42.45 -15.58
C SER B 266 15.92 41.54 -14.57
N LEU B 267 17.11 41.96 -14.14
CA LEU B 267 17.79 41.29 -13.02
C LEU B 267 17.59 42.09 -11.74
N VAL B 268 16.96 41.49 -10.75
CA VAL B 268 16.70 42.21 -9.52
C VAL B 268 17.95 42.11 -8.63
N ASP B 269 18.17 43.13 -7.78
CA ASP B 269 19.33 43.19 -6.88
C ASP B 269 19.20 42.18 -5.74
N ASP B 270 18.04 42.18 -5.10
CA ASP B 270 17.77 41.36 -3.92
C ASP B 270 16.95 40.12 -4.29
N PHE B 271 17.55 38.94 -4.13
CA PHE B 271 16.86 37.67 -4.36
C PHE B 271 15.49 37.58 -3.66
N ASN B 272 15.38 38.10 -2.44
CA ASN B 272 14.11 38.01 -1.72
C ASN B 272 12.94 38.67 -2.44
N GLU B 273 13.22 39.60 -3.34
CA GLU B 273 12.19 40.30 -4.09
C GLU B 273 11.25 39.33 -4.80
N LEU B 274 11.79 38.22 -5.30
CA LEU B 274 11.06 37.27 -6.16
C LEU B 274 10.60 35.97 -5.47
N GLU B 275 11.13 35.72 -4.28
CA GLU B 275 10.65 34.65 -3.37
C GLU B 275 11.09 33.25 -3.82
N ARG B 276 12.12 33.19 -4.65
CA ARG B 276 12.59 31.92 -5.20
C ARG B 276 13.76 31.35 -4.42
N PHE B 277 14.80 32.15 -4.23
CA PHE B 277 16.01 31.65 -3.60
C PHE B 277 15.80 31.40 -2.10
N PRO B 278 16.38 30.30 -1.57
CA PRO B 278 17.19 29.28 -2.25
C PRO B 278 16.32 28.19 -2.80
N ALA B 279 16.89 27.34 -3.66
CA ALA B 279 16.17 26.23 -4.26
C ALA B 279 15.50 25.38 -3.17
N ASP B 280 14.26 25.00 -3.43
CA ASP B 280 13.56 24.03 -2.59
C ASP B 280 13.99 22.61 -3.00
N VAL B 281 14.28 22.43 -4.29
CA VAL B 281 14.88 21.18 -4.75
C VAL B 281 15.81 21.37 -5.92
N HIS B 282 17.05 20.91 -5.77
CA HIS B 282 18.02 20.81 -6.85
C HIS B 282 18.04 19.40 -7.38
N VAL B 283 17.52 19.17 -8.58
CA VAL B 283 17.66 17.85 -9.20
C VAL B 283 19.02 17.75 -9.91
N ILE B 284 19.82 16.76 -9.57
CA ILE B 284 21.10 16.49 -10.26
C ILE B 284 21.33 15.00 -10.46
N GLY B 285 22.24 14.67 -11.37
CA GLY B 285 22.80 13.32 -11.43
C GLY B 285 23.88 13.08 -10.37
N LYS B 286 24.14 11.81 -10.09
CA LYS B 286 25.10 11.41 -9.07
C LYS B 286 26.50 11.92 -9.37
N ASP B 287 26.84 12.00 -10.65
CA ASP B 287 28.14 12.53 -11.11
C ASP B 287 28.53 13.92 -10.57
N ILE B 288 27.56 14.81 -10.41
CA ILE B 288 27.85 16.15 -9.94
C ILE B 288 27.38 16.43 -8.49
N LEU B 289 27.21 15.37 -7.70
CA LEU B 289 26.71 15.50 -6.33
C LEU B 289 27.66 16.26 -5.43
N LYS B 290 28.93 15.89 -5.47
CA LYS B 290 29.91 16.58 -4.64
C LYS B 290 30.01 18.05 -5.00
N PHE B 291 29.80 18.41 -6.27
CA PHE B 291 29.88 19.81 -6.67
C PHE B 291 28.73 20.59 -6.05
N HIS B 292 27.53 20.02 -6.03
CA HIS B 292 26.35 20.65 -5.42
C HIS B 292 26.24 20.58 -3.91
N ALA B 293 26.79 19.54 -3.27
CA ALA B 293 26.67 19.37 -1.80
C ALA B 293 27.89 19.86 -1.01
N ILE B 294 29.02 20.07 -1.68
CA ILE B 294 30.22 20.55 -1.00
C ILE B 294 30.55 21.96 -1.49
N TYR B 295 30.93 22.11 -2.75
CA TYR B 295 31.37 23.40 -3.29
C TYR B 295 30.29 24.48 -3.17
N TRP B 296 29.10 24.17 -3.71
CA TRP B 296 28.00 25.15 -3.78
C TRP B 296 27.61 25.69 -2.43
N PRO B 297 27.32 24.83 -1.45
CA PRO B 297 27.01 25.39 -0.15
C PRO B 297 28.15 26.21 0.47
N ALA B 298 29.40 25.81 0.25
CA ALA B 298 30.57 26.54 0.73
C ALA B 298 30.55 27.95 0.12
N PHE B 299 30.27 28.04 -1.17
CA PHE B 299 30.11 29.33 -1.81
C PHE B 299 29.01 30.15 -1.15
N LEU B 300 27.86 29.53 -0.93
CA LEU B 300 26.71 30.21 -0.33
C LEU B 300 26.99 30.63 1.13
N LEU B 301 27.75 29.80 1.86
CA LEU B 301 28.14 30.12 3.23
C LEU B 301 29.07 31.35 3.26
N SER B 302 30.05 31.38 2.37
CA SER B 302 30.96 32.52 2.26
C SER B 302 30.17 33.78 1.99
N ALA B 303 29.27 33.72 1.03
CA ALA B 303 28.49 34.90 0.61
C ALA B 303 27.43 35.29 1.62
N GLY B 304 27.18 34.45 2.62
CA GLY B 304 26.14 34.69 3.62
C GLY B 304 24.73 34.55 3.05
N LEU B 305 24.59 33.68 2.04
CA LEU B 305 23.32 33.44 1.36
C LEU B 305 22.69 32.14 1.88
N PRO B 306 21.35 32.03 1.81
CA PRO B 306 20.71 30.81 2.32
C PRO B 306 20.99 29.55 1.47
N LEU B 307 21.24 28.44 2.15
CA LEU B 307 21.51 27.18 1.50
C LEU B 307 20.20 26.53 1.03
N PRO B 308 20.25 25.72 -0.02
CA PRO B 308 19.05 25.07 -0.55
C PRO B 308 18.45 24.09 0.44
N LYS B 309 17.17 23.78 0.31
CA LYS B 309 16.52 22.85 1.23
C LYS B 309 16.85 21.38 0.96
N LYS B 310 16.98 21.02 -0.32
CA LYS B 310 17.17 19.62 -0.74
C LYS B 310 17.98 19.49 -2.03
N ILE B 311 18.86 18.49 -2.07
CA ILE B 311 19.56 18.09 -3.29
C ILE B 311 19.23 16.63 -3.57
N VAL B 312 18.54 16.37 -4.69
CA VAL B 312 18.19 14.98 -5.07
C VAL B 312 19.07 14.51 -6.24
N ALA B 313 19.90 13.49 -5.99
CA ALA B 313 20.87 12.98 -6.97
C ALA B 313 20.45 11.62 -7.48
N HIS B 314 20.22 11.49 -8.78
CA HIS B 314 19.68 10.25 -9.37
C HIS B 314 20.72 9.40 -10.06
N GLY B 315 20.28 8.31 -10.68
CA GLY B 315 21.19 7.36 -11.34
C GLY B 315 21.38 7.57 -12.83
N TRP B 316 22.11 6.66 -13.48
CA TRP B 316 22.44 6.74 -14.90
C TRP B 316 21.78 5.60 -15.62
N TRP B 317 20.97 5.89 -16.64
CA TRP B 317 20.26 4.85 -17.39
C TRP B 317 21.10 3.97 -18.27
N THR B 318 20.62 2.74 -18.48
CA THR B 318 21.15 1.86 -19.52
C THR B 318 19.99 1.43 -20.42
N LYS B 319 20.29 0.91 -21.60
CA LYS B 319 19.27 0.24 -22.43
C LYS B 319 19.73 -1.19 -22.70
N ASP B 320 18.79 -2.13 -22.53
CA ASP B 320 19.06 -3.55 -22.68
C ASP B 320 20.28 -3.97 -21.86
N ARG B 321 20.40 -3.44 -20.65
CA ARG B 321 21.52 -3.71 -19.75
C ARG B 321 22.91 -3.47 -20.35
N LYS B 322 22.99 -2.57 -21.34
CA LYS B 322 24.28 -2.13 -21.91
C LYS B 322 24.37 -0.60 -21.80
N LYS B 323 25.60 -0.09 -21.89
CA LYS B 323 25.86 1.34 -21.86
C LYS B 323 25.22 2.02 -23.06
N ILE B 324 24.51 3.12 -22.83
CA ILE B 324 23.90 3.86 -23.93
C ILE B 324 24.98 4.67 -24.63
N SER B 325 25.13 4.42 -25.93
CA SER B 325 26.23 4.97 -26.70
C SER B 325 25.92 4.91 -28.20
N LYS B 326 25.86 6.07 -28.86
CA LYS B 326 25.74 6.16 -30.32
C LYS B 326 26.65 5.11 -31.02
N SER B 327 27.95 5.13 -30.73
CA SER B 327 28.85 4.05 -31.17
C SER B 327 28.68 2.84 -30.25
N LEU B 328 29.10 1.67 -30.72
CA LEU B 328 28.81 0.39 -30.04
C LEU B 328 27.35 -0.06 -30.20
N GLY B 329 26.60 0.59 -31.09
CA GLY B 329 25.17 0.36 -31.21
C GLY B 329 24.53 0.87 -29.93
N ASN B 330 23.27 0.58 -29.73
CA ASN B 330 22.60 0.96 -28.47
C ASN B 330 22.37 2.45 -28.27
N VAL B 331 21.67 3.03 -29.24
CA VAL B 331 21.07 4.36 -29.12
C VAL B 331 19.83 4.28 -28.23
N PHE B 332 19.62 5.30 -27.39
CA PHE B 332 18.34 5.48 -26.68
C PHE B 332 17.82 6.92 -26.87
N ASP B 333 16.86 7.09 -27.77
CA ASP B 333 16.34 8.40 -28.18
C ASP B 333 14.95 8.65 -27.60
N PRO B 334 14.86 9.45 -26.55
CA PRO B 334 13.55 9.59 -25.88
C PRO B 334 12.43 10.05 -26.82
N VAL B 335 12.71 11.06 -27.65
CA VAL B 335 11.69 11.55 -28.56
C VAL B 335 11.21 10.41 -29.46
N GLU B 336 12.12 9.54 -29.87
CA GLU B 336 11.74 8.43 -30.74
C GLU B 336 10.79 7.48 -30.04
N LYS B 337 11.10 7.15 -28.78
CA LYS B 337 10.28 6.21 -28.03
C LYS B 337 8.98 6.83 -27.58
N ALA B 338 9.00 8.11 -27.23
CA ALA B 338 7.77 8.86 -26.95
C ALA B 338 6.81 8.79 -28.14
N GLU B 339 7.37 8.95 -29.34
CA GLU B 339 6.59 8.88 -30.57
C GLU B 339 5.94 7.52 -30.74
N GLU B 340 6.66 6.45 -30.40
CA GLU B 340 6.12 5.11 -30.57
C GLU B 340 5.09 4.72 -29.51
N PHE B 341 5.42 4.90 -28.24
CA PHE B 341 4.58 4.42 -27.13
C PHE B 341 3.71 5.53 -26.53
N GLY B 342 4.06 6.78 -26.78
CA GLY B 342 3.38 7.90 -26.15
C GLY B 342 4.28 8.63 -25.17
N TYR B 343 4.07 9.95 -25.10
CA TYR B 343 4.91 10.82 -24.28
C TYR B 343 4.67 10.57 -22.78
N ASP B 344 3.43 10.69 -22.34
CA ASP B 344 3.10 10.44 -20.95
C ASP B 344 3.49 9.01 -20.55
N ALA B 345 3.35 8.06 -21.48
CA ALA B 345 3.68 6.66 -21.19
C ALA B 345 5.18 6.46 -20.92
N LEU B 346 6.03 7.13 -21.71
CA LEU B 346 7.47 7.02 -21.52
C LEU B 346 7.83 7.69 -20.20
N LYS B 347 7.33 8.91 -20.01
CA LYS B 347 7.55 9.64 -18.76
C LYS B 347 7.19 8.78 -17.56
N TYR B 348 6.01 8.17 -17.60
CA TYR B 348 5.59 7.27 -16.54
C TYR B 348 6.63 6.18 -16.32
N PHE B 349 7.11 5.57 -17.39
CA PHE B 349 8.04 4.46 -17.26
C PHE B 349 9.34 4.92 -16.64
N LEU B 350 9.88 6.04 -17.13
CA LEU B 350 11.14 6.55 -16.61
C LEU B 350 11.06 6.88 -15.12
N LEU B 351 9.89 7.33 -14.67
CA LEU B 351 9.73 7.73 -13.28
C LEU B 351 9.35 6.57 -12.39
N ARG B 352 8.73 5.55 -12.99
CA ARG B 352 8.25 4.39 -12.25
C ARG B 352 9.26 3.25 -12.20
N GLU B 353 9.85 2.94 -13.35
CA GLU B 353 10.75 1.79 -13.47
C GLU B 353 11.91 1.84 -12.47
N SER B 354 12.34 3.03 -12.09
CA SER B 354 13.50 3.11 -11.24
C SER B 354 13.43 4.27 -10.27
N GLY B 355 14.02 4.06 -9.10
CA GLY B 355 14.17 5.11 -8.11
C GLY B 355 15.49 5.87 -8.31
N PHE B 356 15.70 6.89 -7.48
CA PHE B 356 16.88 7.72 -7.61
C PHE B 356 18.13 7.03 -7.09
N SER B 357 17.96 5.97 -6.30
CA SER B 357 19.09 5.14 -5.83
C SER B 357 19.62 4.21 -6.91
N ASP B 358 18.83 3.97 -7.94
CA ASP B 358 19.11 2.94 -8.91
C ASP B 358 19.58 3.55 -10.23
N ASP B 359 20.45 2.83 -10.92
CA ASP B 359 20.72 3.08 -12.33
C ASP B 359 19.70 2.29 -13.16
N GLY B 360 18.63 2.95 -13.57
CA GLY B 360 17.52 2.31 -14.27
C GLY B 360 17.91 1.68 -15.59
N ASP B 361 17.08 0.75 -16.06
CA ASP B 361 17.33 0.05 -17.33
C ASP B 361 16.08 0.15 -18.20
N TYR B 362 16.26 0.65 -19.42
CA TYR B 362 15.17 0.65 -20.39
C TYR B 362 15.21 -0.61 -21.27
N SER B 363 14.03 -1.10 -21.62
CA SER B 363 13.88 -2.04 -22.73
C SER B 363 12.46 -1.91 -23.28
N ASP B 364 12.32 -2.18 -24.58
CA ASP B 364 11.02 -2.12 -25.22
C ASP B 364 10.03 -3.09 -24.53
N LYS B 365 10.51 -4.30 -24.25
CA LYS B 365 9.75 -5.31 -23.48
C LYS B 365 9.14 -4.74 -22.20
N ASN B 366 9.97 -4.08 -21.39
CA ASN B 366 9.55 -3.61 -20.07
C ASN B 366 8.70 -2.36 -20.11
N MET B 367 8.97 -1.49 -21.07
CA MET B 367 8.10 -0.35 -21.36
C MET B 367 6.70 -0.85 -21.66
N ILE B 368 6.63 -1.84 -22.54
CA ILE B 368 5.36 -2.40 -22.99
C ILE B 368 4.65 -3.06 -21.83
N ALA B 369 5.39 -3.81 -21.01
CA ALA B 369 4.81 -4.45 -19.82
C ALA B 369 4.06 -3.43 -18.95
N ARG B 370 4.73 -2.32 -18.62
CA ARG B 370 4.15 -1.31 -17.74
C ARG B 370 2.99 -0.58 -18.38
N LEU B 371 3.09 -0.35 -19.67
CA LEU B 371 2.07 0.37 -20.41
C LEU B 371 0.81 -0.48 -20.45
N ASN B 372 0.98 -1.77 -20.67
CA ASN B 372 -0.13 -2.70 -20.79
C ASN B 372 -0.80 -2.96 -19.45
N GLY B 373 0.02 -3.28 -18.45
CA GLY B 373 -0.47 -3.72 -17.13
C GLY B 373 -0.94 -2.63 -16.19
N GLU B 374 -0.32 -1.45 -16.29
CA GLU B 374 -0.57 -0.38 -15.33
C GLU B 374 -1.42 0.70 -15.96
N LEU B 375 -0.91 1.26 -17.05
CA LEU B 375 -1.58 2.37 -17.72
C LEU B 375 -2.91 1.98 -18.41
N ALA B 376 -2.88 0.90 -19.20
CA ALA B 376 -4.08 0.40 -19.88
C ALA B 376 -4.95 -0.45 -18.95
N ASP B 377 -4.38 -1.52 -18.39
CA ASP B 377 -5.15 -2.49 -17.57
C ASP B 377 -5.64 -1.95 -16.24
N THR B 378 -4.84 -1.18 -15.51
CA THR B 378 -5.29 -0.70 -14.20
C THR B 378 -6.01 0.63 -14.29
N LEU B 379 -5.39 1.61 -14.95
CA LEU B 379 -5.95 2.97 -15.00
C LEU B 379 -7.00 3.10 -16.08
N GLY B 380 -6.58 2.92 -17.32
CA GLY B 380 -7.47 3.10 -18.48
C GLY B 380 -8.75 2.29 -18.42
N ASN B 381 -8.61 0.99 -18.24
CA ASN B 381 -9.75 0.07 -18.05
C ASN B 381 -10.78 0.65 -17.08
N LEU B 382 -10.28 1.12 -15.95
CA LEU B 382 -11.13 1.63 -14.87
C LEU B 382 -11.83 2.92 -15.27
N VAL B 383 -11.09 3.81 -15.92
CA VAL B 383 -11.67 5.06 -16.41
C VAL B 383 -12.87 4.77 -17.31
N MET B 384 -12.67 3.81 -18.22
CA MET B 384 -13.68 3.45 -19.20
C MET B 384 -14.91 2.88 -18.54
N ARG B 385 -14.70 2.01 -17.55
CA ARG B 385 -15.81 1.35 -16.86
C ARG B 385 -16.78 2.35 -16.22
N CYS B 386 -16.25 3.34 -15.53
CA CYS B 386 -17.12 4.27 -14.82
C CYS B 386 -17.77 5.33 -15.73
N THR B 387 -17.26 5.47 -16.96
CA THR B 387 -17.82 6.39 -17.95
C THR B 387 -18.69 5.67 -19.00
N SER B 388 -18.62 4.34 -19.00
CA SER B 388 -19.36 3.47 -19.93
C SER B 388 -20.88 3.65 -19.89
N ALA B 389 -21.50 3.66 -21.06
CA ALA B 389 -22.95 3.86 -21.17
C ALA B 389 -23.76 2.70 -20.60
N LYS B 390 -23.15 1.51 -20.60
CA LYS B 390 -23.77 0.32 -20.02
C LYS B 390 -23.91 0.40 -18.50
N ILE B 391 -22.94 1.02 -17.83
CA ILE B 391 -22.90 1.09 -16.37
C ILE B 391 -23.44 2.43 -15.86
N ASN B 392 -22.90 3.51 -16.39
CA ASN B 392 -23.33 4.86 -16.08
C ASN B 392 -24.35 5.27 -17.15
N VAL B 393 -25.59 4.84 -16.96
CA VAL B 393 -26.61 4.98 -18.01
C VAL B 393 -27.03 6.43 -18.20
N ASN B 394 -27.10 7.20 -17.12
CA ASN B 394 -27.53 8.60 -17.20
C ASN B 394 -26.43 9.59 -17.58
N GLY B 395 -25.21 9.10 -17.80
CA GLY B 395 -24.08 9.94 -18.19
C GLY B 395 -23.84 11.08 -17.22
N GLU B 396 -23.68 10.74 -15.95
CA GLU B 396 -23.48 11.75 -14.92
C GLU B 396 -22.93 11.16 -13.64
N TRP B 397 -22.57 12.04 -12.70
CA TRP B 397 -22.18 11.63 -11.37
C TRP B 397 -23.45 11.40 -10.57
N PRO B 398 -23.58 10.22 -9.92
CA PRO B 398 -24.82 9.99 -9.20
C PRO B 398 -24.75 10.37 -7.73
N SER B 399 -25.91 10.49 -7.11
CA SER B 399 -25.99 10.80 -5.70
C SER B 399 -26.00 9.50 -4.90
N PRO B 400 -24.96 9.27 -4.08
CA PRO B 400 -24.79 7.98 -3.43
C PRO B 400 -25.86 7.71 -2.38
N ALA B 401 -26.23 6.45 -2.19
CA ALA B 401 -27.10 6.03 -1.08
C ALA B 401 -26.25 5.78 0.17
N ALA B 402 -26.78 5.03 1.13
CA ALA B 402 -26.00 4.75 2.35
C ALA B 402 -24.76 3.93 2.00
N TYR B 403 -23.72 4.09 2.80
CA TYR B 403 -22.44 3.42 2.56
C TYR B 403 -22.30 2.15 3.41
N THR B 404 -21.82 1.06 2.80
CA THR B 404 -21.49 -0.16 3.55
C THR B 404 -20.10 0.02 4.15
N GLU B 405 -19.68 -0.91 4.99
CA GLU B 405 -18.29 -0.89 5.49
C GLU B 405 -17.29 -0.98 4.34
N GLU B 406 -17.58 -1.84 3.37
CA GLU B 406 -16.67 -2.00 2.24
C GLU B 406 -16.52 -0.67 1.52
N ASP B 407 -17.63 0.00 1.24
CA ASP B 407 -17.61 1.36 0.72
C ASP B 407 -16.69 2.29 1.53
N GLU B 408 -16.86 2.29 2.84
CA GLU B 408 -16.10 3.17 3.72
C GLU B 408 -14.60 2.85 3.71
N SER B 409 -14.26 1.59 3.47
CA SER B 409 -12.85 1.20 3.45
C SER B 409 -12.16 1.72 2.19
N LEU B 410 -12.86 1.68 1.06
CA LEU B 410 -12.31 2.24 -0.18
C LEU B 410 -12.27 3.75 -0.12
N ILE B 411 -13.31 4.36 0.43
CA ILE B 411 -13.33 5.81 0.63
C ILE B 411 -12.15 6.22 1.48
N GLN B 412 -11.79 5.39 2.46
CA GLN B 412 -10.74 5.75 3.40
C GLN B 412 -9.40 5.85 2.67
N LEU B 413 -9.12 4.88 1.82
CA LEU B 413 -7.89 4.89 1.07
C LEU B 413 -7.84 6.14 0.22
N ILE B 414 -8.98 6.49 -0.37
CA ILE B 414 -9.04 7.67 -1.23
C ILE B 414 -8.81 8.95 -0.43
N LYS B 415 -9.38 9.03 0.76
CA LYS B 415 -9.10 10.18 1.63
C LYS B 415 -7.63 10.25 2.05
N ASP B 416 -7.02 9.10 2.33
CA ASP B 416 -5.64 9.07 2.82
C ASP B 416 -4.61 9.36 1.73
N LEU B 417 -4.97 9.14 0.48
CA LEU B 417 -3.99 9.19 -0.61
C LEU B 417 -3.31 10.55 -0.75
N PRO B 418 -4.10 11.63 -0.81
CA PRO B 418 -3.45 12.93 -0.93
C PRO B 418 -2.28 13.15 0.02
N GLY B 419 -2.43 12.79 1.29
CA GLY B 419 -1.35 13.02 2.25
C GLY B 419 -0.11 12.14 2.04
N THR B 420 -0.34 10.87 1.70
CA THR B 420 0.74 9.96 1.39
C THR B 420 1.52 10.45 0.18
N ALA B 421 0.79 10.81 -0.87
CA ALA B 421 1.42 11.27 -2.09
C ALA B 421 2.21 12.53 -1.79
N ASP B 422 1.62 13.43 -1.03
CA ASP B 422 2.29 14.68 -0.73
C ASP B 422 3.66 14.49 -0.07
N HIS B 423 3.76 13.55 0.88
CA HIS B 423 5.04 13.27 1.55
C HIS B 423 6.06 12.74 0.60
N TYR B 424 5.62 11.85 -0.29
CA TYR B 424 6.53 11.26 -1.25
C TYR B 424 7.00 12.32 -2.24
N TYR B 425 6.09 13.14 -2.73
CA TYR B 425 6.44 14.20 -3.68
C TYR B 425 7.46 15.16 -3.08
N LEU B 426 7.39 15.35 -1.76
CA LEU B 426 8.28 16.27 -1.08
C LEU B 426 9.66 15.70 -0.74
N ILE B 427 9.83 14.38 -0.78
CA ILE B 427 11.10 13.79 -0.33
C ILE B 427 12.34 14.28 -1.10
N PRO B 428 12.27 14.30 -2.44
CA PRO B 428 11.24 13.78 -3.32
C PRO B 428 11.50 12.32 -3.68
N ASP B 429 10.45 11.54 -3.81
CA ASP B 429 10.55 10.16 -4.24
C ASP B 429 9.30 9.90 -5.09
N ILE B 430 9.48 10.08 -6.38
CA ILE B 430 8.37 10.10 -7.29
C ILE B 430 7.90 8.70 -7.58
N GLN B 431 8.83 7.75 -7.57
CA GLN B 431 8.47 6.36 -7.78
C GLN B 431 7.45 5.93 -6.74
N LYS B 432 7.70 6.26 -5.47
CA LYS B 432 6.75 5.93 -4.42
C LYS B 432 5.42 6.71 -4.51
N ALA B 433 5.46 7.96 -4.94
CA ALA B 433 4.23 8.71 -5.16
C ALA B 433 3.40 7.91 -6.13
N ILE B 434 4.00 7.47 -7.23
CA ILE B 434 3.27 6.75 -8.27
C ILE B 434 2.70 5.44 -7.71
N ILE B 435 3.55 4.69 -7.05
CA ILE B 435 3.15 3.41 -6.51
C ILE B 435 1.99 3.64 -5.54
N ALA B 436 2.09 4.69 -4.73
CA ALA B 436 1.05 5.03 -3.76
C ALA B 436 -0.28 5.24 -4.46
N VAL B 437 -0.28 6.02 -5.54
CA VAL B 437 -1.50 6.23 -6.29
C VAL B 437 -2.03 4.90 -6.80
N PHE B 438 -1.13 4.12 -7.39
CA PHE B 438 -1.54 2.89 -8.06
C PHE B 438 -2.02 1.80 -7.11
N ASP B 439 -1.58 1.85 -5.85
CA ASP B 439 -2.18 0.99 -4.84
C ASP B 439 -3.69 1.28 -4.76
N VAL B 440 -4.04 2.56 -4.70
CA VAL B 440 -5.44 2.94 -4.63
C VAL B 440 -6.17 2.57 -5.92
N LEU B 441 -5.51 2.72 -7.06
CA LEU B 441 -6.16 2.32 -8.33
C LEU B 441 -6.49 0.81 -8.35
N ARG B 442 -5.55 -0.02 -7.92
CA ARG B 442 -5.80 -1.45 -7.74
C ARG B 442 -6.98 -1.72 -6.81
N ALA B 443 -7.05 -0.99 -5.70
CA ALA B 443 -8.14 -1.16 -4.73
C ALA B 443 -9.51 -0.81 -5.32
N ILE B 444 -9.56 0.21 -6.17
CA ILE B 444 -10.82 0.61 -6.78
C ILE B 444 -11.26 -0.49 -7.74
N ASN B 445 -10.34 -0.99 -8.56
CA ASN B 445 -10.65 -2.12 -9.44
C ASN B 445 -11.17 -3.34 -8.69
N ALA B 446 -10.55 -3.66 -7.56
CA ALA B 446 -10.99 -4.75 -6.70
C ALA B 446 -12.46 -4.53 -6.31
N TYR B 447 -12.73 -3.32 -5.79
CA TYR B 447 -14.06 -2.94 -5.34
C TYR B 447 -15.05 -3.07 -6.50
N VAL B 448 -14.65 -2.59 -7.66
CA VAL B 448 -15.51 -2.64 -8.83
C VAL B 448 -15.77 -4.10 -9.24
N THR B 449 -14.72 -4.91 -9.28
CA THR B 449 -14.90 -6.32 -9.58
C THR B 449 -15.88 -6.98 -8.59
N ASP B 450 -15.71 -6.70 -7.30
CA ASP B 450 -16.59 -7.23 -6.28
C ASP B 450 -18.02 -6.78 -6.42
N MET B 451 -18.26 -5.51 -6.75
CA MET B 451 -19.62 -4.98 -6.73
C MET B 451 -20.36 -5.30 -8.02
N ALA B 452 -19.61 -5.65 -9.06
CA ALA B 452 -20.22 -6.02 -10.33
C ALA B 452 -21.32 -5.03 -10.75
N PRO B 453 -20.97 -3.74 -10.92
CA PRO B 453 -21.99 -2.71 -11.19
C PRO B 453 -22.76 -2.90 -12.49
N TRP B 454 -22.16 -3.60 -13.44
CA TRP B 454 -22.86 -3.97 -14.69
C TRP B 454 -24.11 -4.77 -14.41
N LYS B 455 -24.02 -5.71 -13.47
CA LYS B 455 -25.19 -6.46 -13.01
C LYS B 455 -26.15 -5.61 -12.19
N LEU B 456 -25.64 -4.60 -11.48
CA LEU B 456 -26.48 -3.78 -10.62
C LEU B 456 -27.42 -2.86 -11.39
N VAL B 457 -27.16 -2.64 -12.69
CA VAL B 457 -27.99 -1.72 -13.50
C VAL B 457 -29.43 -2.21 -13.56
N LYS B 458 -29.60 -3.53 -13.73
CA LYS B 458 -30.92 -4.17 -13.70
C LYS B 458 -31.38 -4.45 -12.27
N THR B 459 -30.48 -5.06 -11.48
CA THR B 459 -30.77 -5.60 -10.14
C THR B 459 -31.08 -4.58 -9.03
N ASP B 460 -30.30 -3.51 -8.95
CA ASP B 460 -30.39 -2.58 -7.82
C ASP B 460 -29.87 -1.21 -8.22
N PRO B 461 -30.75 -0.35 -8.75
CA PRO B 461 -30.28 0.95 -9.24
C PRO B 461 -29.78 1.85 -8.13
N GLU B 462 -30.40 1.78 -6.95
CA GLU B 462 -29.99 2.59 -5.81
C GLU B 462 -28.57 2.26 -5.40
N ARG B 463 -28.24 0.97 -5.33
CA ARG B 463 -26.89 0.57 -4.98
C ARG B 463 -25.86 1.01 -6.03
N LEU B 464 -26.20 0.85 -7.30
CA LEU B 464 -25.31 1.27 -8.38
C LEU B 464 -24.83 2.69 -8.13
N ARG B 465 -25.78 3.58 -7.82
CA ARG B 465 -25.48 4.96 -7.53
C ARG B 465 -24.35 5.11 -6.52
N THR B 466 -24.39 4.34 -5.44
CA THR B 466 -23.32 4.39 -4.46
C THR B 466 -21.98 3.87 -5.05
N VAL B 467 -21.98 2.65 -5.58
CA VAL B 467 -20.77 2.06 -6.17
C VAL B 467 -20.14 2.99 -7.20
N LEU B 468 -20.98 3.55 -8.06
CA LEU B 468 -20.52 4.31 -9.21
C LEU B 468 -19.89 5.61 -8.75
N TYR B 469 -20.55 6.26 -7.80
CA TYR B 469 -20.07 7.50 -7.28
C TYR B 469 -18.70 7.37 -6.64
N ILE B 470 -18.48 6.30 -5.90
CA ILE B 470 -17.20 6.11 -5.21
C ILE B 470 -16.10 5.87 -6.23
N THR B 471 -16.41 5.06 -7.24
CA THR B 471 -15.47 4.80 -8.30
C THR B 471 -15.05 6.11 -8.97
N LEU B 472 -16.05 6.87 -9.42
CA LEU B 472 -15.80 8.13 -10.12
C LEU B 472 -14.90 9.03 -9.30
N GLU B 473 -15.23 9.18 -8.01
CA GLU B 473 -14.47 10.06 -7.17
C GLU B 473 -13.07 9.51 -6.95
N GLY B 474 -12.95 8.19 -6.82
CA GLY B 474 -11.65 7.54 -6.69
C GLY B 474 -10.76 7.74 -7.90
N VAL B 475 -11.37 7.66 -9.08
CA VAL B 475 -10.66 7.93 -10.31
C VAL B 475 -10.25 9.40 -10.39
N ARG B 476 -11.14 10.30 -9.98
CA ARG B 476 -10.82 11.72 -10.03
C ARG B 476 -9.60 12.00 -9.19
N VAL B 477 -9.63 11.57 -7.92
CA VAL B 477 -8.58 11.92 -6.97
C VAL B 477 -7.22 11.32 -7.33
N THR B 478 -7.19 10.05 -7.73
CA THR B 478 -5.95 9.41 -8.16
C THR B 478 -5.42 10.08 -9.42
N THR B 479 -6.32 10.44 -10.33
CA THR B 479 -5.92 11.12 -11.56
C THR B 479 -5.31 12.47 -11.20
N LEU B 480 -5.90 13.12 -10.21
CA LEU B 480 -5.45 14.46 -9.84
C LEU B 480 -4.02 14.38 -9.35
N LEU B 481 -3.74 13.40 -8.50
CA LEU B 481 -2.39 13.22 -7.99
C LEU B 481 -1.41 12.65 -9.01
N LEU B 482 -1.92 12.06 -10.09
CA LEU B 482 -1.10 11.58 -11.19
C LEU B 482 -0.86 12.64 -12.28
N SER B 483 -1.58 13.76 -12.24
CA SER B 483 -1.47 14.72 -13.34
C SER B 483 -0.05 15.23 -13.59
N PRO B 484 0.80 15.33 -12.54
CA PRO B 484 2.18 15.71 -12.87
C PRO B 484 2.96 14.63 -13.62
N ILE B 485 2.57 13.37 -13.45
CA ILE B 485 3.23 12.31 -14.18
C ILE B 485 2.65 12.14 -15.59
N LEU B 486 1.34 12.28 -15.73
CA LEU B 486 0.67 12.16 -17.03
C LEU B 486 -0.13 13.44 -17.31
N PRO B 487 0.56 14.52 -17.65
CA PRO B 487 -0.08 15.83 -17.74
C PRO B 487 -1.11 15.97 -18.87
N ARG B 488 -0.86 15.32 -20.00
CA ARG B 488 -1.82 15.31 -21.11
C ARG B 488 -2.96 14.32 -20.92
N LYS B 489 -2.62 13.11 -20.51
CA LYS B 489 -3.61 12.05 -20.38
C LYS B 489 -4.60 12.35 -19.27
N SER B 490 -4.14 13.02 -18.20
CA SER B 490 -5.05 13.44 -17.14
C SER B 490 -6.12 14.43 -17.63
N VAL B 491 -5.78 15.24 -18.64
CA VAL B 491 -6.76 16.19 -19.14
C VAL B 491 -7.84 15.40 -19.87
N VAL B 492 -7.43 14.38 -20.63
CA VAL B 492 -8.39 13.50 -21.29
C VAL B 492 -9.29 12.85 -20.24
N ILE B 493 -8.69 12.35 -19.17
CA ILE B 493 -9.45 11.63 -18.15
C ILE B 493 -10.47 12.57 -17.55
N PHE B 494 -10.02 13.76 -17.13
CA PHE B 494 -10.93 14.73 -16.56
C PHE B 494 -12.01 15.12 -17.57
N ASP B 495 -11.65 15.34 -18.82
CA ASP B 495 -12.69 15.61 -19.83
C ASP B 495 -13.78 14.55 -19.81
N MET B 496 -13.36 13.27 -19.77
CA MET B 496 -14.30 12.13 -19.80
C MET B 496 -15.26 12.17 -18.60
N LEU B 497 -14.69 12.29 -17.41
CA LEU B 497 -15.46 12.39 -16.18
C LEU B 497 -16.31 13.66 -16.09
N GLY B 498 -16.05 14.62 -16.97
CA GLY B 498 -16.73 15.90 -16.94
C GLY B 498 -16.36 16.77 -15.74
N VAL B 499 -15.18 16.55 -15.16
CA VAL B 499 -14.72 17.36 -14.03
C VAL B 499 -14.53 18.78 -14.54
N PRO B 500 -15.17 19.77 -13.90
CA PRO B 500 -14.93 21.15 -14.31
C PRO B 500 -13.48 21.59 -14.07
N GLU B 501 -13.00 22.51 -14.91
CA GLU B 501 -11.61 22.99 -14.82
C GLU B 501 -11.25 23.44 -13.42
N VAL B 502 -12.19 24.13 -12.77
CA VAL B 502 -11.96 24.70 -11.45
C VAL B 502 -11.59 23.61 -10.42
N HIS B 503 -12.03 22.37 -10.66
CA HIS B 503 -11.73 21.28 -9.73
C HIS B 503 -10.56 20.40 -10.16
N ARG B 504 -9.78 20.85 -11.14
CA ARG B 504 -8.67 20.04 -11.67
C ARG B 504 -7.33 20.40 -11.03
N LYS B 505 -7.35 21.42 -10.19
CA LYS B 505 -6.17 21.92 -9.52
C LYS B 505 -6.61 22.51 -8.18
N GLY B 506 -5.65 22.68 -7.26
CA GLY B 506 -5.91 23.28 -5.93
C GLY B 506 -5.91 22.22 -4.84
N ILE B 507 -5.22 22.49 -3.74
CA ILE B 507 -5.16 21.56 -2.60
C ILE B 507 -6.54 21.22 -2.08
N GLU B 508 -7.44 22.19 -2.10
CA GLU B 508 -8.83 21.98 -1.70
C GLU B 508 -9.51 20.86 -2.48
N ASN B 509 -9.11 20.63 -3.73
CA ASN B 509 -9.73 19.60 -4.55
C ASN B 509 -9.12 18.20 -4.42
N PHE B 510 -8.11 18.07 -3.57
CA PHE B 510 -7.58 16.78 -3.17
C PHE B 510 -8.60 16.04 -2.29
N GLU B 511 -9.45 16.81 -1.60
CA GLU B 511 -10.50 16.26 -0.76
C GLU B 511 -11.59 15.50 -1.53
N PHE B 512 -12.03 14.42 -0.90
CA PHE B 512 -13.09 13.55 -1.37
C PHE B 512 -14.39 14.35 -1.45
N GLY B 513 -15.16 14.09 -2.51
CA GLY B 513 -16.45 14.75 -2.71
C GLY B 513 -16.38 16.20 -3.18
N ALA B 514 -15.32 16.54 -3.90
CA ALA B 514 -15.18 17.92 -4.38
C ALA B 514 -16.03 18.19 -5.61
N VAL B 515 -16.48 17.15 -6.30
CA VAL B 515 -17.38 17.30 -7.44
C VAL B 515 -18.76 16.78 -7.07
N PRO B 516 -19.79 17.66 -7.12
CA PRO B 516 -21.15 17.33 -6.68
C PRO B 516 -21.91 16.45 -7.65
N PRO B 517 -22.77 15.56 -7.10
CA PRO B 517 -23.67 14.76 -7.93
C PRO B 517 -24.51 15.59 -8.88
N GLY B 518 -24.81 15.01 -10.04
CA GLY B 518 -25.50 15.72 -11.10
C GLY B 518 -24.56 16.25 -12.16
N THR B 519 -23.26 16.26 -11.89
CA THR B 519 -22.29 16.68 -12.87
C THR B 519 -22.36 15.73 -14.05
N ARG B 520 -22.54 16.28 -15.25
CA ARG B 520 -22.61 15.48 -16.46
C ARG B 520 -21.21 15.07 -16.91
N LEU B 521 -21.10 13.84 -17.40
CA LEU B 521 -19.87 13.37 -18.00
C LEU B 521 -19.61 14.09 -19.32
N GLY B 522 -18.37 14.03 -19.79
CA GLY B 522 -18.02 14.51 -21.13
C GLY B 522 -18.51 13.52 -22.18
N PRO B 523 -18.78 14.02 -23.39
CA PRO B 523 -19.40 13.17 -24.41
C PRO B 523 -18.48 12.06 -24.86
N ALA B 524 -19.07 10.95 -25.32
CA ALA B 524 -18.30 9.79 -25.78
C ALA B 524 -17.90 9.93 -27.25
N VAL B 525 -16.68 9.47 -27.57
CA VAL B 525 -16.21 9.37 -28.95
C VAL B 525 -16.23 7.90 -29.38
N GLU B 526 -16.90 7.60 -30.50
CA GLU B 526 -17.15 6.22 -30.92
C GLU B 526 -15.88 5.37 -31.06
N GLY B 527 -15.60 4.55 -30.05
CA GLY B 527 -14.50 3.59 -30.09
C GLY B 527 -13.15 4.13 -29.62
N GLU B 528 -13.18 5.12 -28.73
CA GLU B 528 -11.94 5.71 -28.17
C GLU B 528 -11.32 4.82 -27.09
N VAL B 529 -10.04 5.07 -26.80
CA VAL B 529 -9.31 4.33 -25.77
C VAL B 529 -8.26 5.26 -25.14
N LEU B 530 -8.03 5.12 -23.84
CA LEU B 530 -7.13 6.02 -23.13
C LEU B 530 -5.66 5.64 -23.38
N PHE B 531 -5.33 4.37 -23.18
CA PHE B 531 -4.03 3.83 -23.57
C PHE B 531 -4.23 2.57 -24.40
N SER B 532 -3.61 2.52 -25.56
CA SER B 532 -3.72 1.36 -26.45
C SER B 532 -2.69 0.33 -26.05
N LYS B 533 -3.11 -0.93 -25.95
CA LYS B 533 -2.20 -2.01 -25.60
C LYS B 533 -1.33 -2.34 -26.81
N ARG B 534 -0.17 -2.96 -26.60
CA ARG B 534 0.75 -3.26 -27.71
C ARG B 534 1.34 -4.67 -27.71
N SER B 535 1.80 -5.08 -28.89
CA SER B 535 2.16 -6.47 -29.18
C SER B 535 3.29 -7.05 -28.30
N THR B 536 3.32 -8.38 -28.22
CA THR B 536 4.38 -9.16 -27.52
C THR B 536 4.81 -8.50 -26.20
#